data_7WKX
#
_entry.id   7WKX
#
_cell.length_a   301.142
_cell.length_b   50.829
_cell.length_c   117.216
_cell.angle_alpha   90.000
_cell.angle_beta   101.270
_cell.angle_gamma   90.000
#
_symmetry.space_group_name_H-M   'C 1 2 1'
#
loop_
_entity.id
_entity.type
_entity.pdbx_description
1 polymer 'Heavy chain of HB0017 Fab'
2 polymer 'Light chain of HB0017 Fab'
3 polymer Interleukin-17A
4 non-polymer 'MALONIC ACID'
5 non-polymer 'ACETIC ACID'
6 water water
#
loop_
_entity_poly.entity_id
_entity_poly.type
_entity_poly.pdbx_seq_one_letter_code
_entity_poly.pdbx_strand_id
1 'polypeptide(L)'
;QVQLVQSGSELKKPGASVKVSCKASEYIFTNYGMNWVKQAPGQGFEWMGWIDTNTGEPTYAQGFTGRFVFSLDTSVSTAY
LQISSLKAEDTATYYCANYGWGYFDYWGQGTTVTVSSASTKGPSVFPLAPSSKSTSGGTAALGCLVKDYFPEPVTVSWNS
GALTSGVHTFPAVLQSSGLYSLSSVVTVPSSSLGTQTYICNVNHKPSNTKVDKRVSA
;
A,B
2 'polypeptide(L)'
;DVVMTQTPPSLPVNPGEPASISCRSSQSLVHSNGYTYLHWYLQKPGQSPQLLIYKVSNHLSGVPDRFSGSGSGTDFTLKI
SWVEAEDVGVYFCSQSTHVPYTFGGGTKLEIKRTVAAPSVFIFPPSDEQLKSGTASVVCLLNNFYPREAKVQWKVDNALQ
SGNSQESVTEQDSKDSTYSLSSTLTLSKADYEKHKVYACEVTHQGLSSPVTKSFNRGEC
;
C,D
3 'polypeptide(L)'
;MGHHHHHHENLYFQGIVKAGITIPRNPGCPNSEDKNFPRTVMVNLNIHNRNTNTNPKRSSDYYNRSTSPWNLHRNEDPER
YPSVIWEAKCRHLGCINADGNVDYHMNSVPIQQEILVLRREPPHCPNSFRLEKILVSVGCTCVTPIVHHVA
;
E,F
#
loop_
_chem_comp.id
_chem_comp.type
_chem_comp.name
_chem_comp.formula
ACY non-polymer 'ACETIC ACID' 'C2 H4 O2'
MLA non-polymer 'MALONIC ACID' 'C3 H4 O4'
#
# COMPACT_ATOMS: atom_id res chain seq x y z
N GLN A 1 -7.94 10.91 -16.97
CA GLN A 1 -8.42 11.77 -15.85
C GLN A 1 -7.26 12.65 -15.38
N VAL A 2 -6.05 12.12 -15.30
CA VAL A 2 -4.88 12.96 -14.96
C VAL A 2 -4.49 13.75 -16.20
N GLN A 3 -4.37 15.07 -16.06
CA GLN A 3 -4.04 15.92 -17.22
C GLN A 3 -2.83 16.78 -16.88
N LEU A 4 -1.82 16.79 -17.75
CA LEU A 4 -0.62 17.63 -17.57
C LEU A 4 -0.75 18.83 -18.51
N VAL A 5 -0.83 20.04 -17.95
CA VAL A 5 -0.96 21.28 -18.78
C VAL A 5 0.36 22.06 -18.70
N GLN A 6 0.98 22.29 -19.86
CA GLN A 6 2.28 23.01 -19.92
C GLN A 6 2.03 24.49 -20.16
N SER A 7 3.08 25.31 -20.03
CA SER A 7 2.96 26.78 -20.20
C SER A 7 2.84 27.11 -21.68
N GLY A 8 2.81 28.40 -22.01
CA GLY A 8 2.58 28.82 -23.41
C GLY A 8 3.83 29.00 -24.22
N SER A 9 3.66 29.33 -25.51
CA SER A 9 4.79 29.50 -26.45
C SER A 9 5.74 30.58 -25.96
N GLU A 10 7.04 30.39 -26.20
CA GLU A 10 8.06 31.35 -25.70
C GLU A 10 8.93 31.86 -26.85
N LEU A 11 9.10 33.18 -26.95
CA LEU A 11 10.04 33.77 -27.96
C LEU A 11 11.16 34.44 -27.19
N LYS A 12 12.41 34.21 -27.57
CA LYS A 12 13.58 34.69 -26.80
C LYS A 12 14.75 34.99 -27.73
N LYS A 13 15.58 35.94 -27.30
CA LYS A 13 16.86 36.33 -27.93
C LYS A 13 17.95 35.35 -27.47
N PRO A 14 19.00 35.09 -28.29
CA PRO A 14 20.10 34.25 -27.84
C PRO A 14 20.69 34.90 -26.59
N GLY A 15 20.97 34.06 -25.57
CA GLY A 15 21.57 34.56 -24.33
C GLY A 15 20.57 34.65 -23.20
N ALA A 16 19.28 34.52 -23.51
CA ALA A 16 18.25 34.73 -22.48
C ALA A 16 17.90 33.42 -21.80
N SER A 17 16.87 33.47 -20.95
CA SER A 17 16.45 32.27 -20.19
C SER A 17 14.95 32.01 -20.38
N VAL A 18 14.53 30.75 -20.26
CA VAL A 18 13.09 30.40 -20.35
C VAL A 18 12.79 29.48 -19.18
N LYS A 19 11.62 29.62 -18.57
CA LYS A 19 11.21 28.66 -17.52
C LYS A 19 9.84 28.13 -17.94
N VAL A 20 9.78 26.85 -18.30
CA VAL A 20 8.50 26.27 -18.79
C VAL A 20 7.84 25.54 -17.62
N SER A 21 6.51 25.62 -17.52
CA SER A 21 5.78 25.00 -16.41
C SER A 21 5.00 23.76 -16.86
N CYS A 22 4.83 22.79 -15.98
CA CYS A 22 3.98 21.61 -16.27
C CYS A 22 3.12 21.36 -15.04
N LYS A 23 1.84 21.75 -15.09
CA LYS A 23 0.93 21.56 -13.94
C LYS A 23 0.10 20.28 -14.12
N ALA A 24 0.06 19.45 -13.09
CA ALA A 24 -0.76 18.22 -13.14
C ALA A 24 -2.10 18.47 -12.45
N SER A 25 -3.16 17.84 -12.94
CA SER A 25 -4.52 18.01 -12.36
C SER A 25 -4.60 17.40 -10.97
N GLU A 26 -3.87 16.31 -10.75
CA GLU A 26 -3.96 15.59 -9.46
C GLU A 26 -2.56 15.27 -8.94
N TYR A 27 -2.49 14.70 -7.74
CA TYR A 27 -1.19 14.21 -7.23
C TYR A 27 -0.95 12.86 -7.89
N ILE A 28 0.30 12.55 -8.20
CA ILE A 28 0.64 11.24 -8.80
C ILE A 28 1.68 10.57 -7.92
N PHE A 29 1.45 9.31 -7.55
CA PHE A 29 2.50 8.58 -6.79
C PHE A 29 3.34 7.81 -7.82
N THR A 30 4.60 8.20 -7.97
CA THR A 30 5.49 7.52 -8.94
C THR A 30 6.76 7.07 -8.23
N ASN A 31 7.33 5.95 -8.67
CA ASN A 31 8.62 5.48 -8.12
C ASN A 31 9.69 6.34 -8.78
N TYR A 32 9.25 7.23 -9.68
CA TYR A 32 10.18 8.11 -10.42
C TYR A 32 9.69 9.56 -10.30
N GLY A 33 9.28 10.16 -11.41
CA GLY A 33 8.85 11.57 -11.38
C GLY A 33 8.62 12.15 -12.75
N MET A 34 8.72 13.47 -12.89
CA MET A 34 8.41 14.14 -14.17
C MET A 34 9.61 14.07 -15.12
N ASN A 35 9.38 13.57 -16.33
CA ASN A 35 10.45 13.45 -17.34
C ASN A 35 10.25 14.55 -18.37
N TRP A 36 11.32 14.98 -19.02
CA TRP A 36 11.24 16.08 -20.01
C TRP A 36 11.82 15.58 -21.34
N VAL A 37 11.14 15.89 -22.45
CA VAL A 37 11.58 15.39 -23.78
C VAL A 37 11.68 16.58 -24.72
N LYS A 38 12.71 16.59 -25.55
CA LYS A 38 12.91 17.69 -26.51
C LYS A 38 12.70 17.20 -27.93
N GLN A 39 11.99 17.99 -28.73
CA GLN A 39 11.82 17.70 -30.17
C GLN A 39 12.13 18.97 -30.96
N ALA A 40 13.29 19.01 -31.62
CA ALA A 40 13.62 20.09 -32.57
C ALA A 40 12.75 19.90 -33.81
N PRO A 41 12.59 20.90 -34.69
CA PRO A 41 11.72 20.71 -35.85
C PRO A 41 12.26 19.61 -36.77
N GLY A 42 11.35 18.73 -37.22
CA GLY A 42 11.63 17.56 -38.07
C GLY A 42 12.73 16.70 -37.48
N GLN A 43 12.52 16.21 -36.27
CA GLN A 43 13.54 15.53 -35.44
C GLN A 43 12.82 14.61 -34.48
N GLY A 44 13.53 13.60 -33.99
CA GLY A 44 13.02 12.64 -33.00
C GLY A 44 12.81 13.26 -31.63
N PHE A 45 12.04 12.61 -30.79
CA PHE A 45 12.05 12.84 -29.33
C PHE A 45 13.46 12.54 -28.84
N GLU A 46 14.04 13.48 -28.10
CA GLU A 46 15.27 13.22 -27.33
C GLU A 46 14.97 13.48 -25.84
N TRP A 47 15.22 12.47 -25.03
CA TRP A 47 15.02 12.46 -23.56
C TRP A 47 16.06 13.36 -22.87
N MET A 48 15.58 14.28 -22.06
CA MET A 48 16.41 15.25 -21.36
C MET A 48 16.73 14.74 -19.96
N GLY A 49 15.91 13.85 -19.41
CA GLY A 49 16.04 13.35 -18.01
C GLY A 49 14.76 13.56 -17.23
N TRP A 50 14.85 13.77 -15.92
CA TRP A 50 13.69 13.65 -15.01
C TRP A 50 14.03 14.17 -13.62
N ILE A 51 13.00 14.47 -12.83
CA ILE A 51 13.09 14.93 -11.43
C ILE A 51 12.13 14.07 -10.59
N ASP A 52 12.66 13.42 -9.56
CA ASP A 52 11.92 12.65 -8.53
C ASP A 52 10.85 13.56 -7.89
N THR A 53 9.57 13.25 -8.07
CA THR A 53 8.47 14.06 -7.51
C THR A 53 8.42 13.87 -5.98
N ASN A 54 9.22 12.95 -5.44
CA ASN A 54 9.21 12.67 -3.98
C ASN A 54 10.43 13.28 -3.27
N THR A 55 11.60 13.31 -3.92
CA THR A 55 12.83 13.80 -3.28
C THR A 55 13.20 15.19 -3.79
N GLY A 56 12.95 15.47 -5.06
CA GLY A 56 13.33 16.76 -5.67
C GLY A 56 14.63 16.59 -6.41
N GLU A 57 15.15 15.37 -6.44
CA GLU A 57 16.48 15.13 -7.06
C GLU A 57 16.36 15.15 -8.57
N PRO A 58 17.13 16.00 -9.26
CA PRO A 58 17.09 16.05 -10.71
C PRO A 58 18.13 15.12 -11.35
N THR A 59 17.70 14.30 -12.29
CA THR A 59 18.66 13.44 -13.04
C THR A 59 18.68 13.96 -14.48
N TYR A 60 19.81 14.50 -14.90
CA TYR A 60 19.92 15.08 -16.27
C TYR A 60 20.59 14.07 -17.18
N ALA A 61 20.37 14.20 -18.47
CA ALA A 61 20.92 13.21 -19.42
C ALA A 61 22.14 13.80 -20.13
N GLN A 62 22.94 12.95 -20.75
CA GLN A 62 24.21 13.40 -21.37
C GLN A 62 23.97 14.71 -22.13
N GLY A 63 22.96 14.78 -22.97
CA GLY A 63 22.83 16.01 -23.76
C GLY A 63 22.75 17.28 -22.91
N PHE A 64 22.26 17.20 -21.68
CA PHE A 64 21.59 18.34 -20.99
C PHE A 64 22.13 18.57 -19.59
N THR A 65 23.44 18.48 -19.38
CA THR A 65 24.02 18.59 -18.01
C THR A 65 24.30 20.06 -17.68
N GLY A 66 24.34 20.96 -18.67
CA GLY A 66 24.80 22.33 -18.44
C GLY A 66 23.69 23.27 -18.00
N ARG A 67 22.98 23.80 -19.01
CA ARG A 67 22.18 25.04 -18.87
C ARG A 67 20.72 24.70 -18.56
N PHE A 68 20.47 23.48 -18.10
CA PHE A 68 19.12 22.93 -17.88
C PHE A 68 18.97 22.64 -16.40
N VAL A 69 17.89 23.16 -15.84
CA VAL A 69 17.45 22.90 -14.44
C VAL A 69 15.99 22.47 -14.46
N PHE A 70 15.74 21.27 -13.92
CA PHE A 70 14.41 20.77 -13.55
C PHE A 70 14.18 21.21 -12.12
N SER A 71 12.95 21.54 -11.74
CA SER A 71 12.57 21.90 -10.36
C SER A 71 11.08 21.63 -10.15
N LEU A 72 10.62 21.65 -8.90
CA LEU A 72 9.22 21.39 -8.51
C LEU A 72 8.72 22.42 -7.52
N ASP A 73 7.43 22.74 -7.64
CA ASP A 73 6.71 23.53 -6.61
C ASP A 73 5.56 22.60 -6.25
N THR A 74 5.81 21.57 -5.44
CA THR A 74 4.80 20.52 -5.14
C THR A 74 3.49 21.12 -4.64
N SER A 75 3.53 22.31 -4.06
CA SER A 75 2.32 22.94 -3.49
C SER A 75 1.31 23.15 -4.62
N VAL A 76 1.78 23.29 -5.84
CA VAL A 76 0.86 23.60 -6.98
C VAL A 76 0.83 22.43 -7.95
N SER A 77 1.43 21.31 -7.58
CA SER A 77 1.49 20.13 -8.49
C SER A 77 2.10 20.55 -9.82
N THR A 78 3.09 21.44 -9.80
CA THR A 78 3.70 21.94 -11.06
C THR A 78 5.19 21.61 -11.12
N ALA A 79 5.70 21.37 -12.33
CA ALA A 79 7.13 21.10 -12.53
C ALA A 79 7.66 22.14 -13.50
N TYR A 80 8.94 22.49 -13.40
CA TYR A 80 9.47 23.59 -14.25
C TYR A 80 10.72 23.15 -15.00
N LEU A 81 10.90 23.64 -16.22
CA LEU A 81 12.16 23.40 -16.97
C LEU A 81 12.75 24.77 -17.23
N GLN A 82 14.00 24.99 -16.85
CA GLN A 82 14.66 26.29 -17.15
C GLN A 82 15.88 26.05 -18.01
N ILE A 83 15.97 26.77 -19.13
CA ILE A 83 17.16 26.68 -20.01
C ILE A 83 17.83 28.05 -19.99
N SER A 84 19.14 28.08 -19.82
CA SER A 84 19.87 29.37 -19.74
C SER A 84 20.76 29.53 -20.97
N SER A 85 21.27 30.74 -21.19
CA SER A 85 22.12 31.02 -22.37
C SER A 85 21.50 30.30 -23.57
N LEU A 86 20.32 30.76 -23.98
CA LEU A 86 19.59 30.07 -25.06
C LEU A 86 20.33 30.22 -26.38
N LYS A 87 20.66 29.09 -27.01
CA LYS A 87 21.30 29.10 -28.34
C LYS A 87 20.21 28.71 -29.33
N ALA A 88 20.50 28.67 -30.63
CA ALA A 88 19.47 28.37 -31.63
C ALA A 88 19.10 26.90 -31.57
N GLU A 89 20.07 26.05 -31.27
CA GLU A 89 19.83 24.59 -31.22
C GLU A 89 18.79 24.30 -30.13
N ASP A 90 18.40 25.33 -29.38
CA ASP A 90 17.42 25.14 -28.30
C ASP A 90 16.03 25.39 -28.86
N THR A 91 15.95 25.98 -30.05
CA THR A 91 14.64 26.15 -30.70
C THR A 91 14.06 24.76 -30.90
N ALA A 92 12.97 24.45 -30.20
CA ALA A 92 12.38 23.11 -30.25
C ALA A 92 11.09 23.09 -29.44
N THR A 93 10.37 21.98 -29.48
CA THR A 93 9.16 21.84 -28.64
C THR A 93 9.53 20.94 -27.48
N TYR A 94 9.23 21.39 -26.26
CA TYR A 94 9.65 20.62 -25.06
C TYR A 94 8.40 20.01 -24.42
N TYR A 95 8.48 18.73 -24.05
CA TYR A 95 7.30 18.03 -23.51
C TYR A 95 7.56 17.53 -22.10
N CYS A 96 6.57 17.67 -21.22
CA CYS A 96 6.67 17.12 -19.85
C CYS A 96 5.87 15.83 -19.81
N ALA A 97 6.44 14.77 -19.24
CA ALA A 97 5.72 13.48 -19.25
C ALA A 97 5.97 12.75 -17.93
N ASN A 98 4.94 12.15 -17.35
CA ASN A 98 5.09 11.45 -16.06
C ASN A 98 5.53 10.02 -16.33
N TYR A 99 6.62 9.60 -15.67
CA TYR A 99 7.11 8.22 -15.79
C TYR A 99 6.92 7.58 -14.43
N GLY A 100 6.28 6.42 -14.42
CA GLY A 100 6.09 5.71 -13.16
C GLY A 100 5.83 4.25 -13.41
N TRP A 101 6.56 3.38 -12.72
CA TRP A 101 6.30 1.92 -12.81
C TRP A 101 6.76 1.37 -14.14
N GLY A 102 7.70 2.07 -14.81
CA GLY A 102 8.31 1.52 -16.03
C GLY A 102 7.96 2.25 -17.31
N TYR A 103 7.02 3.17 -17.27
CA TYR A 103 6.56 3.79 -18.54
C TYR A 103 6.03 5.21 -18.32
N PHE A 104 5.94 5.98 -19.40
CA PHE A 104 5.23 7.28 -19.49
C PHE A 104 3.74 6.98 -19.65
N ASP A 105 2.89 7.60 -18.85
CA ASP A 105 1.42 7.43 -18.99
C ASP A 105 0.79 8.72 -19.53
N TYR A 106 1.10 9.88 -18.94
CA TYR A 106 0.49 11.18 -19.32
C TYR A 106 1.58 12.17 -19.76
N TRP A 107 1.28 12.92 -20.82
CA TRP A 107 2.18 13.88 -21.50
C TRP A 107 1.51 15.25 -21.52
N GLY A 108 2.27 16.32 -21.39
CA GLY A 108 1.83 17.68 -21.72
C GLY A 108 1.65 17.86 -23.21
N GLN A 109 1.03 18.98 -23.60
CA GLN A 109 0.74 19.34 -25.00
C GLN A 109 2.02 19.82 -25.69
N GLY A 110 3.10 19.97 -24.93
CA GLY A 110 4.36 20.57 -25.41
C GLY A 110 4.30 22.08 -25.31
N THR A 111 5.45 22.70 -25.02
CA THR A 111 5.72 24.15 -25.10
C THR A 111 6.80 24.42 -26.16
N THR A 112 6.53 25.36 -27.05
CA THR A 112 7.47 25.72 -28.13
C THR A 112 8.29 26.91 -27.65
N VAL A 113 9.61 26.73 -27.62
CA VAL A 113 10.62 27.79 -27.40
C VAL A 113 11.27 28.09 -28.77
N THR A 114 11.13 29.33 -29.24
CA THR A 114 11.78 29.84 -30.47
C THR A 114 12.86 30.84 -30.06
N VAL A 115 14.11 30.57 -30.44
CA VAL A 115 15.28 31.43 -30.12
C VAL A 115 15.62 32.15 -31.40
N SER A 116 15.53 33.48 -31.42
CA SER A 116 15.83 34.29 -32.62
C SER A 116 16.41 35.65 -32.25
N SER A 117 17.29 36.19 -33.09
CA SER A 117 17.86 37.54 -32.87
C SER A 117 17.07 38.52 -33.72
N ALA A 118 15.93 38.08 -34.24
CA ALA A 118 15.14 38.92 -35.16
C ALA A 118 14.24 39.87 -34.38
N SER A 119 13.64 40.84 -35.10
CA SER A 119 12.80 41.87 -34.44
C SER A 119 11.45 41.92 -35.14
N THR A 120 10.41 42.25 -34.39
CA THR A 120 9.06 42.23 -34.99
C THR A 120 9.07 42.99 -36.31
N LYS A 121 8.62 42.37 -37.39
CA LYS A 121 8.49 43.04 -38.70
C LYS A 121 7.18 42.57 -39.32
N GLY A 122 6.37 43.48 -39.82
CA GLY A 122 5.14 43.09 -40.52
C GLY A 122 5.46 42.61 -41.90
N PRO A 123 4.67 41.73 -42.52
CA PRO A 123 5.02 41.17 -43.82
C PRO A 123 4.75 42.11 -44.99
N SER A 124 5.61 42.04 -46.02
CA SER A 124 5.28 42.46 -47.41
C SER A 124 4.37 41.39 -48.00
N VAL A 125 3.21 41.79 -48.53
CA VAL A 125 2.25 40.88 -49.23
C VAL A 125 2.30 41.18 -50.72
N PHE A 126 2.68 40.20 -51.55
CA PHE A 126 2.78 40.34 -53.04
C PHE A 126 1.81 39.37 -53.71
N PRO A 127 1.21 39.74 -54.85
CA PRO A 127 0.22 38.87 -55.49
C PRO A 127 0.98 37.80 -56.27
N LEU A 128 0.45 36.57 -56.25
CA LEU A 128 0.83 35.51 -57.20
C LEU A 128 -0.25 35.51 -58.27
N ALA A 129 -0.11 36.42 -59.23
CA ALA A 129 -1.10 36.71 -60.30
C ALA A 129 -1.29 35.47 -61.16
N PRO A 130 -2.55 35.19 -61.56
CA PRO A 130 -2.89 33.98 -62.32
C PRO A 130 -2.43 34.11 -63.78
N SER A 131 -1.83 33.03 -64.28
CA SER A 131 -1.20 32.89 -65.62
C SER A 131 -2.14 33.46 -66.71
N SER A 132 -1.59 34.22 -67.66
CA SER A 132 -2.33 34.67 -68.88
C SER A 132 -2.61 33.45 -69.78
N LYS A 133 -1.84 32.37 -69.66
CA LYS A 133 -2.05 31.09 -70.39
C LYS A 133 -2.87 30.12 -69.52
N SER A 134 -3.92 30.58 -68.83
CA SER A 134 -4.90 29.70 -68.15
C SER A 134 -5.77 29.02 -69.23
N THR A 135 -6.08 27.72 -69.10
CA THR A 135 -6.85 26.91 -70.09
C THR A 135 -8.34 27.31 -70.03
N SER A 136 -8.98 27.64 -71.17
CA SER A 136 -10.43 28.00 -71.29
C SER A 136 -11.32 26.96 -70.61
N GLY A 137 -12.20 27.36 -69.69
CA GLY A 137 -13.17 26.46 -69.01
C GLY A 137 -12.52 25.59 -67.94
N GLY A 138 -11.19 25.34 -68.03
CA GLY A 138 -10.36 24.59 -67.06
C GLY A 138 -10.05 25.40 -65.80
N THR A 139 -8.93 25.11 -65.12
CA THR A 139 -8.65 25.59 -63.74
C THR A 139 -7.46 26.56 -63.75
N ALA A 140 -7.52 27.60 -62.92
CA ALA A 140 -6.44 28.61 -62.74
C ALA A 140 -6.01 28.67 -61.27
N ALA A 141 -4.77 29.08 -61.01
CA ALA A 141 -4.19 29.22 -59.67
C ALA A 141 -3.78 30.68 -59.45
N LEU A 142 -4.03 31.22 -58.27
CA LEU A 142 -3.61 32.57 -57.84
C LEU A 142 -3.37 32.52 -56.33
N GLY A 143 -2.59 33.46 -55.80
CA GLY A 143 -2.23 33.43 -54.38
C GLY A 143 -1.63 34.73 -53.91
N CYS A 144 -0.97 34.64 -52.75
CA CYS A 144 -0.30 35.74 -52.01
C CYS A 144 0.99 35.16 -51.48
N LEU A 145 2.09 35.82 -51.79
CA LEU A 145 3.38 35.63 -51.12
C LEU A 145 3.38 36.55 -49.90
N VAL A 146 3.50 35.97 -48.71
CA VAL A 146 3.54 36.77 -47.46
C VAL A 146 4.98 36.67 -46.97
N LYS A 147 5.76 37.72 -47.18
CA LYS A 147 7.25 37.66 -47.14
C LYS A 147 7.81 38.62 -46.08
N ASP A 148 8.88 38.17 -45.42
CA ASP A 148 9.75 38.97 -44.51
C ASP A 148 8.93 39.46 -43.31
N TYR A 149 8.29 38.55 -42.56
CA TYR A 149 7.63 38.87 -41.27
C TYR A 149 8.35 38.12 -40.16
N PHE A 150 8.18 38.61 -38.93
CA PHE A 150 8.63 37.97 -37.68
C PHE A 150 7.85 38.55 -36.51
N PRO A 151 7.41 37.72 -35.54
CA PRO A 151 7.54 36.27 -35.59
C PRO A 151 6.27 35.65 -36.18
N GLU A 152 6.06 34.34 -36.00
CA GLU A 152 4.79 33.63 -36.29
C GLU A 152 3.71 34.11 -35.33
N PRO A 153 2.40 33.91 -35.63
CA PRO A 153 1.92 33.48 -36.93
C PRO A 153 1.29 34.63 -37.73
N VAL A 154 0.95 34.35 -38.99
CA VAL A 154 -0.02 35.15 -39.79
C VAL A 154 -1.26 34.29 -39.99
N THR A 155 -2.43 34.93 -40.05
CA THR A 155 -3.68 34.34 -40.59
C THR A 155 -3.77 34.85 -42.04
N VAL A 156 -4.33 34.04 -42.93
CA VAL A 156 -4.68 34.43 -44.33
C VAL A 156 -6.12 33.99 -44.53
N SER A 157 -6.91 34.76 -45.28
CA SER A 157 -8.30 34.42 -45.66
C SER A 157 -8.55 34.96 -47.06
N TRP A 158 -9.56 34.47 -47.77
CA TRP A 158 -9.87 34.97 -49.13
C TRP A 158 -11.29 35.55 -49.18
N ASN A 159 -11.43 36.70 -49.84
CA ASN A 159 -12.68 37.50 -49.94
C ASN A 159 -13.35 37.54 -48.56
N SER A 160 -12.55 37.72 -47.51
CA SER A 160 -13.00 37.89 -46.11
C SER A 160 -13.77 36.65 -45.61
N GLY A 161 -13.34 35.45 -46.02
CA GLY A 161 -13.84 34.17 -45.47
C GLY A 161 -14.90 33.54 -46.36
N ALA A 162 -15.29 34.23 -47.45
CA ALA A 162 -16.31 33.81 -48.44
C ALA A 162 -15.69 32.90 -49.51
N LEU A 163 -14.39 32.67 -49.43
CA LEU A 163 -13.64 31.74 -50.34
C LEU A 163 -12.70 30.88 -49.49
N THR A 164 -13.16 29.67 -49.20
CA THR A 164 -12.52 28.69 -48.30
C THR A 164 -12.16 27.44 -49.11
N SER A 165 -13.03 27.13 -50.06
CA SER A 165 -12.93 25.97 -50.97
C SER A 165 -11.84 26.25 -52.01
N GLY A 166 -10.84 25.35 -52.08
CA GLY A 166 -9.76 25.38 -53.08
C GLY A 166 -8.48 25.97 -52.52
N VAL A 167 -8.58 26.64 -51.37
CA VAL A 167 -7.48 27.37 -50.67
C VAL A 167 -6.50 26.38 -50.06
N HIS A 168 -5.21 26.60 -50.28
CA HIS A 168 -4.10 26.03 -49.48
C HIS A 168 -3.26 27.17 -48.89
N THR A 169 -3.23 27.29 -47.57
CA THR A 169 -2.22 28.15 -46.89
C THR A 169 -1.12 27.24 -46.37
N PHE A 170 0.11 27.43 -46.85
CA PHE A 170 1.27 26.54 -46.63
C PHE A 170 1.92 26.89 -45.30
N PRO A 171 2.58 25.91 -44.64
CA PRO A 171 3.46 26.20 -43.52
C PRO A 171 4.52 27.21 -43.95
N ALA A 172 4.87 28.13 -43.05
CA ALA A 172 5.92 29.15 -43.27
C ALA A 172 7.28 28.46 -43.24
N VAL A 173 8.23 29.03 -43.98
CA VAL A 173 9.63 28.56 -43.95
C VAL A 173 10.44 29.72 -43.39
N LEU A 174 11.48 29.42 -42.60
CA LEU A 174 12.37 30.49 -42.07
C LEU A 174 13.48 30.73 -43.07
N GLN A 175 13.63 31.99 -43.49
CA GLN A 175 14.68 32.34 -44.46
C GLN A 175 15.97 32.60 -43.69
N SER A 176 17.11 32.58 -44.38
CA SER A 176 18.41 32.85 -43.73
C SER A 176 18.35 34.23 -43.09
N SER A 177 17.43 35.08 -43.55
CA SER A 177 17.26 36.44 -42.99
C SER A 177 16.86 36.36 -41.53
N GLY A 178 16.24 35.25 -41.13
CA GLY A 178 15.70 35.16 -39.77
C GLY A 178 14.25 35.55 -39.82
N LEU A 179 13.78 35.89 -41.02
CA LEU A 179 12.37 36.29 -41.20
C LEU A 179 11.64 35.14 -41.90
N TYR A 180 10.32 35.05 -41.70
CA TYR A 180 9.53 33.92 -42.28
C TYR A 180 8.85 34.31 -43.59
N SER A 181 8.54 33.32 -44.44
CA SER A 181 7.78 33.58 -45.68
C SER A 181 6.80 32.44 -45.89
N LEU A 182 5.58 32.75 -46.33
CA LEU A 182 4.62 31.68 -46.65
C LEU A 182 3.82 32.04 -47.90
N SER A 183 3.05 31.07 -48.40
CA SER A 183 2.22 31.29 -49.59
C SER A 183 0.80 30.81 -49.33
N SER A 184 -0.20 31.54 -49.83
CA SER A 184 -1.60 31.06 -49.78
C SER A 184 -2.08 31.04 -51.22
N VAL A 185 -2.67 29.94 -51.65
CA VAL A 185 -3.04 29.84 -53.09
C VAL A 185 -4.49 29.34 -53.23
N VAL A 186 -5.17 29.74 -54.30
CA VAL A 186 -6.56 29.25 -54.54
C VAL A 186 -6.64 28.76 -55.97
N THR A 187 -7.33 27.64 -56.19
CA THR A 187 -7.56 27.15 -57.56
C THR A 187 -8.98 27.57 -57.92
N VAL A 188 -9.13 28.40 -58.95
CA VAL A 188 -10.47 28.95 -59.28
C VAL A 188 -10.82 28.64 -60.74
N PRO A 189 -12.10 28.66 -61.13
CA PRO A 189 -12.47 28.46 -62.52
C PRO A 189 -11.91 29.60 -63.38
N SER A 190 -11.27 29.26 -64.51
CA SER A 190 -10.63 30.29 -65.37
C SER A 190 -11.70 31.24 -65.90
N SER A 191 -12.92 30.74 -66.07
CA SER A 191 -14.05 31.59 -66.52
C SER A 191 -14.29 32.71 -65.52
N SER A 192 -13.93 32.50 -64.26
CA SER A 192 -14.24 33.49 -63.20
C SER A 192 -13.18 34.58 -63.10
N LEU A 193 -11.99 34.32 -63.62
CA LEU A 193 -10.87 35.29 -63.45
C LEU A 193 -11.29 36.67 -63.94
N GLY A 194 -12.43 36.76 -64.63
CA GLY A 194 -12.85 38.05 -65.19
C GLY A 194 -14.06 38.63 -64.47
N THR A 195 -14.88 37.78 -63.88
CA THR A 195 -16.13 38.25 -63.24
C THR A 195 -15.96 38.23 -61.72
N GLN A 196 -14.91 37.62 -61.20
CA GLN A 196 -14.78 37.48 -59.73
C GLN A 196 -13.52 38.19 -59.24
N THR A 197 -13.67 38.99 -58.18
CA THR A 197 -12.53 39.70 -57.59
C THR A 197 -11.95 38.80 -56.50
N TYR A 198 -10.62 38.67 -56.46
CA TYR A 198 -9.97 37.80 -55.47
C TYR A 198 -9.06 38.65 -54.60
N ILE A 199 -9.35 38.71 -53.30
CA ILE A 199 -8.54 39.53 -52.36
C ILE A 199 -8.10 38.66 -51.18
N CYS A 200 -6.79 38.62 -50.89
CA CYS A 200 -6.30 37.85 -49.73
C CYS A 200 -6.21 38.79 -48.52
N ASN A 201 -6.72 38.32 -47.39
CA ASN A 201 -6.72 39.13 -46.14
C ASN A 201 -5.66 38.56 -45.20
N VAL A 202 -4.51 39.21 -45.11
CA VAL A 202 -3.38 38.72 -44.26
C VAL A 202 -3.36 39.53 -42.97
N ASN A 203 -3.21 38.87 -41.83
CA ASN A 203 -3.16 39.57 -40.52
C ASN A 203 -1.94 39.12 -39.71
N HIS A 204 -1.11 40.07 -39.27
CA HIS A 204 0.05 39.75 -38.41
C HIS A 204 -0.13 40.48 -37.10
N LYS A 205 -0.75 39.84 -36.10
CA LYS A 205 -1.07 40.51 -34.83
C LYS A 205 0.21 41.08 -34.20
N PRO A 206 1.31 40.31 -34.11
CA PRO A 206 2.52 40.79 -33.45
C PRO A 206 2.88 42.20 -33.91
N SER A 207 2.54 42.57 -35.15
CA SER A 207 2.91 43.90 -35.70
C SER A 207 1.67 44.75 -35.93
N ASN A 208 0.52 44.28 -35.44
CA ASN A 208 -0.75 45.01 -35.68
C ASN A 208 -0.86 45.32 -37.16
N THR A 209 -0.34 44.45 -38.02
CA THR A 209 -0.48 44.64 -39.49
C THR A 209 -1.70 43.88 -40.00
N LYS A 210 -2.47 44.54 -40.86
CA LYS A 210 -3.61 43.90 -41.55
C LYS A 210 -3.52 44.40 -43.00
N VAL A 211 -3.33 43.50 -43.96
CA VAL A 211 -3.20 43.90 -45.39
C VAL A 211 -4.22 43.12 -46.21
N ASP A 212 -4.91 43.80 -47.11
CA ASP A 212 -5.91 43.14 -47.99
C ASP A 212 -5.47 43.35 -49.43
N LYS A 213 -4.63 42.45 -49.97
CA LYS A 213 -4.08 42.63 -51.34
C LYS A 213 -5.01 41.99 -52.36
N ARG A 214 -5.24 42.67 -53.48
CA ARG A 214 -6.09 42.10 -54.56
C ARG A 214 -5.19 41.48 -55.62
N VAL A 215 -5.51 40.25 -56.02
CA VAL A 215 -4.73 39.57 -57.09
C VAL A 215 -5.49 39.78 -58.40
N SER A 216 -4.89 40.52 -59.32
CA SER A 216 -5.63 40.86 -60.55
C SER A 216 -5.15 40.02 -61.73
N ALA A 217 -6.08 39.45 -62.47
CA ALA A 217 -5.75 38.67 -63.69
C ALA A 217 -4.59 39.36 -64.43
N GLN B 1 -12.80 -8.98 12.93
CA GLN B 1 -13.70 -10.12 13.22
C GLN B 1 -12.86 -11.40 13.30
N VAL B 2 -11.55 -11.25 13.43
CA VAL B 2 -10.64 -12.42 13.52
C VAL B 2 -10.99 -13.19 14.80
N GLN B 3 -10.95 -14.52 14.73
CA GLN B 3 -11.22 -15.34 15.94
C GLN B 3 -10.04 -16.26 16.20
N LEU B 4 -9.51 -16.21 17.42
CA LEU B 4 -8.40 -17.10 17.81
C LEU B 4 -9.04 -18.32 18.49
N VAL B 5 -8.96 -19.48 17.85
CA VAL B 5 -9.58 -20.71 18.41
C VAL B 5 -8.48 -21.56 19.03
N GLN B 6 -8.48 -21.65 20.36
CA GLN B 6 -7.39 -22.39 21.06
C GLN B 6 -7.68 -23.90 20.99
N SER B 7 -6.71 -24.72 21.39
CA SER B 7 -6.88 -26.19 21.33
C SER B 7 -7.92 -26.64 22.32
N GLY B 8 -7.61 -27.65 23.14
CA GLY B 8 -8.62 -28.20 24.04
C GLY B 8 -8.05 -28.59 25.38
N SER B 9 -8.93 -28.91 26.33
CA SER B 9 -8.49 -29.24 27.70
C SER B 9 -7.48 -30.39 27.71
N GLU B 10 -6.47 -30.31 28.57
CA GLU B 10 -5.40 -31.33 28.62
C GLU B 10 -5.23 -31.88 30.03
N LEU B 11 -5.07 -33.19 30.17
CA LEU B 11 -4.78 -33.81 31.49
C LEU B 11 -3.40 -34.45 31.39
N LYS B 12 -2.51 -34.17 32.35
CA LYS B 12 -1.13 -34.67 32.23
C LYS B 12 -0.59 -35.09 33.60
N LYS B 13 0.38 -36.00 33.62
CA LYS B 13 0.96 -36.49 34.89
C LYS B 13 2.22 -35.69 35.19
N PRO B 14 2.65 -35.53 36.45
CA PRO B 14 3.79 -34.66 36.75
C PRO B 14 5.00 -35.21 36.01
N GLY B 15 5.79 -34.32 35.39
CA GLY B 15 6.99 -34.75 34.65
C GLY B 15 6.74 -34.77 33.17
N ALA B 16 5.49 -34.68 32.75
CA ALA B 16 5.16 -34.79 31.32
C ALA B 16 5.32 -33.44 30.62
N SER B 17 4.84 -33.35 29.38
CA SER B 17 4.92 -32.08 28.63
C SER B 17 3.61 -31.90 27.85
N VAL B 18 3.22 -30.65 27.61
CA VAL B 18 1.97 -30.36 26.86
C VAL B 18 2.26 -29.30 25.81
N LYS B 19 1.67 -29.43 24.63
CA LYS B 19 1.81 -28.36 23.60
C LYS B 19 0.41 -27.87 23.28
N VAL B 20 0.11 -26.60 23.53
CA VAL B 20 -1.26 -26.05 23.29
C VAL B 20 -1.25 -25.26 21.98
N SER B 21 -2.40 -25.23 21.28
CA SER B 21 -2.46 -24.56 19.97
C SER B 21 -3.36 -23.31 20.02
N CYS B 22 -3.10 -22.34 19.15
CA CYS B 22 -3.95 -21.14 19.02
C CYS B 22 -4.04 -20.78 17.55
N LYS B 23 -5.05 -21.28 16.85
CA LYS B 23 -5.15 -21.02 15.39
C LYS B 23 -6.02 -19.80 15.13
N ALA B 24 -5.60 -18.94 14.20
CA ALA B 24 -6.34 -17.70 13.88
C ALA B 24 -7.32 -17.95 12.74
N SER B 25 -8.46 -17.26 12.74
CA SER B 25 -9.41 -17.37 11.62
C SER B 25 -8.75 -16.82 10.37
N GLU B 26 -7.95 -15.76 10.51
CA GLU B 26 -7.34 -15.12 9.33
C GLU B 26 -5.99 -14.51 9.72
N TYR B 27 -5.27 -13.95 8.73
CA TYR B 27 -3.93 -13.35 9.00
C TYR B 27 -4.08 -12.06 9.78
N ILE B 28 -3.16 -11.80 10.70
CA ILE B 28 -3.19 -10.55 11.51
C ILE B 28 -1.89 -9.79 11.26
N PHE B 29 -1.99 -8.58 10.71
CA PHE B 29 -0.78 -7.75 10.52
C PHE B 29 -0.49 -7.07 11.84
N THR B 30 0.66 -7.37 12.43
CA THR B 30 0.98 -6.77 13.74
C THR B 30 2.47 -6.45 13.86
N ASN B 31 2.80 -5.38 14.59
CA ASN B 31 4.21 -4.98 14.81
C ASN B 31 4.79 -5.90 15.88
N TYR B 32 3.91 -6.53 16.66
CA TYR B 32 4.31 -7.49 17.72
C TYR B 32 3.44 -8.72 17.54
N GLY B 33 3.94 -9.93 17.80
CA GLY B 33 3.15 -11.14 17.53
C GLY B 33 2.18 -11.58 18.62
N MET B 34 1.95 -12.88 18.76
CA MET B 34 0.97 -13.44 19.74
C MET B 34 1.57 -13.50 21.15
N ASN B 35 0.73 -13.23 22.15
CA ASN B 35 1.21 -13.22 23.56
C ASN B 35 0.53 -14.36 24.31
N TRP B 36 1.15 -14.83 25.39
CA TRP B 36 0.60 -15.98 26.15
C TRP B 36 0.38 -15.57 27.60
N VAL B 37 -0.77 -15.95 28.16
CA VAL B 37 -1.09 -15.54 29.56
C VAL B 37 -1.50 -16.75 30.39
N LYS B 38 -0.94 -16.89 31.58
CA LYS B 38 -1.27 -17.97 32.54
C LYS B 38 -2.22 -17.43 33.59
N GLN B 39 -3.28 -18.18 33.88
CA GLN B 39 -4.19 -17.82 35.00
C GLN B 39 -4.33 -19.05 35.88
N ALA B 40 -3.62 -19.08 37.00
CA ALA B 40 -3.76 -20.20 37.93
C ALA B 40 -5.18 -20.18 38.49
N PRO B 41 -5.66 -21.28 39.11
CA PRO B 41 -7.02 -21.32 39.61
C PRO B 41 -7.24 -20.29 40.72
N GLY B 42 -8.23 -19.42 40.55
CA GLY B 42 -8.54 -18.41 41.59
C GLY B 42 -7.49 -17.33 41.68
N GLN B 43 -6.66 -17.22 40.66
CA GLN B 43 -5.56 -16.22 40.68
C GLN B 43 -5.72 -15.30 39.48
N GLY B 44 -4.84 -14.31 39.36
CA GLY B 44 -4.98 -13.33 38.27
C GLY B 44 -4.22 -13.72 37.03
N PHE B 45 -4.21 -12.83 36.03
CA PHE B 45 -3.49 -13.11 34.77
C PHE B 45 -2.01 -12.82 34.97
N GLU B 46 -1.16 -13.73 34.52
CA GLU B 46 0.33 -13.58 34.59
C GLU B 46 0.88 -13.71 33.17
N TRP B 47 1.55 -12.68 32.66
CA TRP B 47 2.13 -12.61 31.29
C TRP B 47 3.34 -13.52 31.18
N MET B 48 3.31 -14.41 30.20
CA MET B 48 4.40 -15.40 29.98
C MET B 48 5.39 -14.85 28.98
N GLY B 49 4.94 -13.97 28.07
CA GLY B 49 5.79 -13.39 27.00
C GLY B 49 5.10 -13.50 25.66
N TRP B 50 5.90 -13.54 24.59
CA TRP B 50 5.30 -13.50 23.23
C TRP B 50 6.25 -14.00 22.14
N ILE B 51 5.72 -14.21 20.93
CA ILE B 51 6.56 -14.61 19.77
C ILE B 51 6.21 -13.67 18.60
N ASP B 52 7.23 -13.17 17.89
CA ASP B 52 7.00 -12.28 16.72
C ASP B 52 6.39 -13.10 15.58
N THR B 53 5.19 -12.74 15.14
CA THR B 53 4.50 -13.51 14.07
C THR B 53 5.15 -13.16 12.74
N ASN B 54 6.25 -12.41 12.79
CA ASN B 54 6.96 -12.00 11.55
C ASN B 54 8.32 -12.67 11.51
N THR B 55 9.06 -12.66 12.61
CA THR B 55 10.42 -13.25 12.65
C THR B 55 10.34 -14.67 13.20
N GLY B 56 9.39 -14.96 14.09
CA GLY B 56 9.33 -16.28 14.73
C GLY B 56 10.10 -16.24 16.03
N GLU B 57 10.78 -15.13 16.28
CA GLU B 57 11.60 -14.98 17.52
C GLU B 57 10.68 -14.91 18.74
N PRO B 58 10.91 -15.78 19.74
CA PRO B 58 10.18 -15.70 20.99
C PRO B 58 10.94 -14.81 21.99
N THR B 59 10.23 -14.32 23.01
CA THR B 59 10.72 -13.48 24.14
C THR B 59 9.96 -13.94 25.40
N TYR B 60 10.64 -14.43 26.44
CA TYR B 60 10.02 -15.11 27.60
C TYR B 60 10.09 -14.16 28.81
N ALA B 61 9.00 -14.00 29.56
CA ALA B 61 8.98 -13.20 30.82
C ALA B 61 9.86 -13.90 31.86
N GLN B 62 10.29 -13.20 32.92
CA GLN B 62 11.31 -13.75 33.87
C GLN B 62 10.75 -15.04 34.51
N GLY B 63 9.45 -15.13 34.73
CA GLY B 63 8.82 -16.35 35.27
C GLY B 63 9.13 -17.61 34.45
N PHE B 64 9.31 -17.52 33.14
CA PHE B 64 9.05 -18.63 32.18
C PHE B 64 10.21 -18.87 31.23
N THR B 65 11.46 -18.85 31.71
CA THR B 65 12.65 -18.94 30.82
C THR B 65 13.00 -20.42 30.51
N GLY B 66 12.73 -21.37 31.40
CA GLY B 66 13.28 -22.74 31.29
C GLY B 66 12.47 -23.67 30.41
N ARG B 67 11.31 -24.13 30.91
CA ARG B 67 10.55 -25.29 30.40
C ARG B 67 9.45 -24.84 29.44
N PHE B 68 9.59 -23.62 28.90
CA PHE B 68 8.52 -22.97 28.11
C PHE B 68 9.07 -22.63 26.74
N VAL B 69 8.34 -23.07 25.70
CA VAL B 69 8.64 -22.80 24.28
C VAL B 69 7.38 -22.31 23.58
N PHE B 70 7.44 -21.11 23.01
CA PHE B 70 6.46 -20.58 22.04
C PHE B 70 6.98 -20.95 20.66
N SER B 71 6.06 -21.33 19.76
CA SER B 71 6.40 -21.76 18.39
C SER B 71 5.28 -21.30 17.45
N LEU B 72 5.47 -21.44 16.14
CA LEU B 72 4.47 -20.90 15.19
C LEU B 72 4.48 -21.66 13.86
N ASP B 73 3.30 -21.89 13.28
CA ASP B 73 3.19 -22.53 11.93
C ASP B 73 2.28 -21.63 11.08
N THR B 74 2.85 -20.66 10.38
CA THR B 74 2.05 -19.68 9.60
C THR B 74 1.17 -20.39 8.57
N SER B 75 1.60 -21.53 8.06
CA SER B 75 0.82 -22.25 7.02
C SER B 75 -0.63 -22.40 7.48
N VAL B 76 -0.82 -22.82 8.73
CA VAL B 76 -2.20 -23.06 9.25
C VAL B 76 -2.51 -21.95 10.25
N SER B 77 -1.84 -20.80 10.12
CA SER B 77 -2.11 -19.65 11.00
C SER B 77 -2.29 -20.11 12.45
N THR B 78 -1.27 -20.78 13.01
CA THR B 78 -1.42 -21.33 14.38
C THR B 78 -0.17 -21.06 15.23
N ALA B 79 -0.37 -20.88 16.54
CA ALA B 79 0.76 -20.67 17.47
C ALA B 79 0.70 -21.77 18.51
N TYR B 80 1.83 -22.05 19.17
CA TYR B 80 1.85 -23.21 20.08
C TYR B 80 2.59 -22.91 21.38
N LEU B 81 2.01 -23.30 22.51
CA LEU B 81 2.71 -23.16 23.81
C LEU B 81 3.11 -24.56 24.26
N GLN B 82 4.39 -24.76 24.54
CA GLN B 82 4.83 -26.07 25.05
C GLN B 82 5.41 -25.87 26.46
N ILE B 83 5.03 -26.75 27.39
CA ILE B 83 5.52 -26.74 28.79
C ILE B 83 6.09 -28.13 29.08
N SER B 84 7.28 -28.21 29.64
CA SER B 84 7.94 -29.49 29.97
C SER B 84 8.06 -29.64 31.49
N SER B 85 8.38 -30.85 31.96
CA SER B 85 8.55 -31.12 33.42
C SER B 85 7.32 -30.62 34.16
N LEU B 86 6.14 -30.80 33.56
CA LEU B 86 4.90 -30.27 34.17
C LEU B 86 4.90 -30.46 35.68
N LYS B 87 4.64 -29.39 36.43
CA LYS B 87 4.54 -29.48 37.91
C LYS B 87 3.10 -29.16 38.30
N ALA B 88 2.82 -28.98 39.58
CA ALA B 88 1.45 -28.65 40.03
C ALA B 88 1.17 -27.20 39.71
N GLU B 89 2.15 -26.33 39.98
CA GLU B 89 1.97 -24.89 39.74
C GLU B 89 1.51 -24.69 38.31
N ASP B 90 1.85 -25.62 37.42
CA ASP B 90 1.53 -25.43 35.99
C ASP B 90 0.05 -25.72 35.73
N THR B 91 -0.65 -26.34 36.69
CA THR B 91 -2.11 -26.54 36.49
C THR B 91 -2.76 -25.16 36.40
N ALA B 92 -3.34 -24.83 35.25
CA ALA B 92 -3.89 -23.48 35.08
C ALA B 92 -4.59 -23.35 33.73
N THR B 93 -5.26 -22.22 33.51
CA THR B 93 -5.87 -21.98 32.18
C THR B 93 -4.93 -21.03 31.45
N TYR B 94 -4.56 -21.38 30.23
CA TYR B 94 -3.56 -20.57 29.49
C TYR B 94 -4.27 -19.93 28.30
N TYR B 95 -4.03 -18.64 28.07
CA TYR B 95 -4.78 -17.95 27.00
C TYR B 95 -3.82 -17.41 25.95
N CYS B 96 -4.23 -17.44 24.68
CA CYS B 96 -3.43 -16.81 23.61
C CYS B 96 -4.10 -15.49 23.28
N ALA B 97 -3.31 -14.44 23.10
CA ALA B 97 -3.86 -13.11 22.78
C ALA B 97 -2.93 -12.44 21.76
N ASN B 98 -3.48 -12.02 20.61
CA ASN B 98 -2.77 -11.16 19.64
C ASN B 98 -2.47 -9.79 20.28
N TYR B 99 -1.29 -9.23 20.08
CA TYR B 99 -0.95 -7.85 20.51
C TYR B 99 -0.39 -7.11 19.31
N GLY B 100 -0.83 -5.89 19.10
CA GLY B 100 -0.43 -5.05 17.96
C GLY B 100 -0.67 -3.60 18.27
N TRP B 101 0.28 -2.73 17.91
CA TRP B 101 0.09 -1.28 17.96
C TRP B 101 -0.21 -0.86 19.41
N GLY B 102 0.29 -1.64 20.36
CA GLY B 102 0.47 -1.24 21.77
C GLY B 102 -0.52 -1.91 22.71
N TYR B 103 -1.39 -2.79 22.22
CA TYR B 103 -2.42 -3.44 23.05
C TYR B 103 -2.79 -4.82 22.53
N PHE B 104 -3.43 -5.64 23.35
CA PHE B 104 -4.07 -6.92 22.98
C PHE B 104 -5.40 -6.60 22.31
N ASP B 105 -5.69 -7.21 21.16
CA ASP B 105 -6.95 -6.95 20.44
C ASP B 105 -7.87 -8.17 20.53
N TYR B 106 -7.37 -9.37 20.23
CA TYR B 106 -8.17 -10.64 20.24
C TYR B 106 -7.50 -11.66 21.16
N TRP B 107 -8.32 -12.42 21.90
CA TRP B 107 -7.92 -13.46 22.89
C TRP B 107 -8.53 -14.80 22.47
N GLY B 108 -7.85 -15.91 22.73
CA GLY B 108 -8.46 -17.24 22.64
C GLY B 108 -9.41 -17.48 23.79
N GLN B 109 -10.23 -18.53 23.72
CA GLN B 109 -11.17 -18.95 24.79
C GLN B 109 -10.40 -19.49 26.01
N GLY B 110 -9.09 -19.70 25.88
CA GLY B 110 -8.26 -20.33 26.92
C GLY B 110 -8.31 -21.83 26.82
N THR B 111 -7.22 -22.50 27.21
CA THR B 111 -7.07 -23.98 27.35
C THR B 111 -6.73 -24.30 28.81
N THR B 112 -7.43 -25.26 29.40
CA THR B 112 -7.17 -25.73 30.77
C THR B 112 -6.23 -26.93 30.71
N VAL B 113 -5.07 -26.80 31.34
CA VAL B 113 -4.09 -27.90 31.54
C VAL B 113 -4.16 -28.31 33.01
N THR B 114 -4.55 -29.55 33.26
CA THR B 114 -4.64 -30.13 34.62
C THR B 114 -3.51 -31.13 34.80
N VAL B 115 -2.66 -30.93 35.81
CA VAL B 115 -1.51 -31.81 36.16
C VAL B 115 -1.96 -32.71 37.30
N SER B 116 -1.95 -34.03 37.12
CA SER B 116 -2.45 -35.02 38.12
C SER B 116 -1.74 -36.38 38.04
N SER B 117 -1.43 -36.95 39.20
CA SER B 117 -0.99 -38.36 39.40
C SER B 117 -2.21 -39.29 39.32
N ALA B 118 -3.41 -38.74 39.45
CA ALA B 118 -4.65 -39.54 39.49
C ALA B 118 -4.90 -40.30 38.20
N SER B 119 -5.96 -41.11 38.20
CA SER B 119 -6.26 -41.95 37.01
C SER B 119 -7.74 -41.83 36.69
N THR B 120 -8.14 -42.30 35.52
CA THR B 120 -9.57 -42.25 35.12
C THR B 120 -10.42 -43.12 36.05
N LYS B 121 -11.53 -42.59 36.55
CA LYS B 121 -12.48 -43.38 37.36
C LYS B 121 -13.90 -42.97 36.98
N GLY B 122 -14.73 -43.94 36.61
CA GLY B 122 -16.13 -43.62 36.30
C GLY B 122 -16.87 -43.13 37.53
N PRO B 123 -17.91 -42.30 37.40
CA PRO B 123 -18.58 -41.72 38.57
C PRO B 123 -19.72 -42.56 39.15
N SER B 124 -19.91 -42.47 40.46
CA SER B 124 -21.06 -43.16 41.10
C SER B 124 -22.21 -42.14 41.22
N VAL B 125 -23.41 -42.52 40.84
CA VAL B 125 -24.58 -41.58 40.84
C VAL B 125 -25.57 -42.04 41.91
N PHE B 126 -25.88 -41.21 42.91
CA PHE B 126 -26.87 -41.53 43.98
C PHE B 126 -27.99 -40.50 43.97
N PRO B 127 -29.25 -40.87 44.32
CA PRO B 127 -30.34 -39.90 44.34
C PRO B 127 -30.26 -39.06 45.63
N LEU B 128 -30.54 -37.76 45.48
CA LEU B 128 -30.70 -36.86 46.64
C LEU B 128 -32.22 -36.74 46.70
N ALA B 129 -32.91 -37.76 47.22
CA ALA B 129 -34.39 -37.81 47.17
C ALA B 129 -35.07 -36.81 48.10
N PRO B 130 -36.35 -36.48 47.86
CA PRO B 130 -37.05 -35.45 48.64
C PRO B 130 -37.92 -35.93 49.79
N SER B 131 -38.64 -35.01 50.45
CA SER B 131 -39.55 -35.32 51.58
C SER B 131 -38.82 -35.13 52.92
N GLY B 137 -46.56 -28.96 52.04
CA GLY B 137 -46.74 -28.02 50.92
C GLY B 137 -45.57 -27.36 50.20
N GLY B 138 -45.88 -26.48 49.22
CA GLY B 138 -44.99 -25.45 48.63
C GLY B 138 -44.08 -25.96 47.51
N THR B 139 -42.77 -25.83 47.70
CA THR B 139 -41.68 -26.25 46.78
C THR B 139 -40.98 -27.48 47.36
N ALA B 140 -40.51 -28.40 46.50
CA ALA B 140 -39.66 -29.55 46.90
C ALA B 140 -38.35 -29.50 46.10
N ALA B 141 -37.28 -30.04 46.67
CA ALA B 141 -35.95 -30.16 46.04
C ALA B 141 -35.58 -31.64 45.93
N LEU B 142 -35.02 -32.02 44.79
CA LEU B 142 -34.45 -33.37 44.53
C LEU B 142 -33.28 -33.22 43.58
N GLY B 143 -32.38 -34.20 43.60
CA GLY B 143 -31.14 -34.09 42.82
C GLY B 143 -30.45 -35.42 42.66
N CYS B 144 -29.17 -35.33 42.31
CA CYS B 144 -28.23 -36.44 42.04
C CYS B 144 -26.86 -36.03 42.59
N LEU B 145 -26.24 -36.92 43.36
CA LEU B 145 -24.86 -36.68 43.82
C LEU B 145 -23.96 -37.54 42.94
N VAL B 146 -23.11 -36.89 42.14
CA VAL B 146 -22.14 -37.63 41.29
C VAL B 146 -20.84 -37.66 42.09
N LYS B 147 -20.36 -38.85 42.47
CA LYS B 147 -19.19 -38.88 43.37
C LYS B 147 -18.08 -39.82 42.89
N ASP B 148 -16.84 -39.52 43.26
CA ASP B 148 -15.70 -40.42 42.96
C ASP B 148 -15.54 -40.62 41.45
N TYR B 149 -15.19 -39.55 40.73
CA TYR B 149 -14.99 -39.65 39.27
C TYR B 149 -13.75 -38.86 38.88
N PHE B 150 -13.06 -39.31 37.82
CA PHE B 150 -11.89 -38.56 37.32
C PHE B 150 -11.72 -38.93 35.85
N PRO B 151 -11.36 -37.96 34.98
CA PRO B 151 -11.28 -36.57 35.38
C PRO B 151 -12.58 -35.83 35.07
N GLU B 152 -12.51 -34.50 34.92
CA GLU B 152 -13.71 -33.74 34.49
C GLU B 152 -13.79 -33.92 32.96
N PRO B 153 -14.94 -33.72 32.32
CA PRO B 153 -16.15 -33.25 32.97
C PRO B 153 -17.32 -34.23 32.98
N VAL B 154 -18.34 -33.93 33.78
CA VAL B 154 -19.57 -34.76 33.81
C VAL B 154 -20.72 -33.88 33.35
N THR B 155 -21.61 -34.41 32.51
CA THR B 155 -22.77 -33.62 32.05
C THR B 155 -24.03 -34.21 32.66
N VAL B 156 -24.80 -33.38 33.38
CA VAL B 156 -26.07 -33.85 33.99
C VAL B 156 -27.23 -33.23 33.21
N SER B 157 -28.29 -34.01 33.00
CA SER B 157 -29.50 -33.49 32.33
C SER B 157 -30.71 -34.07 33.05
N TRP B 158 -31.88 -33.45 32.91
CA TRP B 158 -33.09 -33.95 33.60
C TRP B 158 -34.16 -34.29 32.57
N ASN B 159 -34.93 -35.34 32.81
CA ASN B 159 -35.93 -35.80 31.82
C ASN B 159 -35.32 -35.69 30.42
N SER B 160 -34.05 -36.07 30.27
CA SER B 160 -33.36 -36.08 28.95
C SER B 160 -33.33 -34.69 28.31
N GLY B 161 -33.22 -33.62 29.11
CA GLY B 161 -32.98 -32.23 28.63
C GLY B 161 -34.27 -31.43 28.53
N ALA B 162 -35.42 -32.07 28.84
CA ALA B 162 -36.79 -31.48 28.85
C ALA B 162 -37.10 -30.77 30.18
N LEU B 163 -36.15 -30.75 31.11
CA LEU B 163 -36.27 -30.05 32.43
C LEU B 163 -34.97 -29.29 32.69
N THR B 164 -34.99 -27.99 32.38
CA THR B 164 -33.86 -27.04 32.53
C THR B 164 -34.23 -25.98 33.57
N SER B 165 -35.52 -25.68 33.72
CA SER B 165 -36.06 -24.63 34.62
C SER B 165 -35.91 -25.03 36.10
N GLY B 166 -35.05 -24.32 36.84
CA GLY B 166 -34.91 -24.47 38.30
C GLY B 166 -33.84 -25.49 38.69
N VAL B 167 -33.18 -26.09 37.70
CA VAL B 167 -31.96 -26.93 37.84
C VAL B 167 -30.79 -26.02 38.21
N HIS B 168 -30.06 -26.40 39.25
CA HIS B 168 -28.70 -25.88 39.56
C HIS B 168 -27.74 -27.06 39.62
N THR B 169 -26.85 -27.19 38.63
CA THR B 169 -25.74 -28.14 38.63
C THR B 169 -24.49 -27.38 39.08
N PHE B 170 -23.90 -27.79 40.20
CA PHE B 170 -22.85 -27.01 40.92
C PHE B 170 -21.51 -27.32 40.27
N PRO B 171 -20.53 -26.39 40.41
CA PRO B 171 -19.19 -26.69 39.96
C PRO B 171 -18.73 -27.79 40.90
N ALA B 172 -17.81 -28.65 40.46
CA ALA B 172 -17.43 -29.81 41.28
C ALA B 172 -16.36 -29.46 42.30
N VAL B 173 -16.14 -30.35 43.25
CA VAL B 173 -15.09 -30.14 44.29
C VAL B 173 -14.08 -31.29 44.17
N LEU B 174 -12.79 -31.01 44.36
CA LEU B 174 -11.78 -32.10 44.34
C LEU B 174 -11.64 -32.62 45.76
N GLN B 175 -12.06 -33.87 45.98
CA GLN B 175 -11.96 -34.47 47.33
C GLN B 175 -10.52 -34.90 47.53
N SER B 176 -10.05 -34.97 48.78
CA SER B 176 -8.66 -35.35 49.07
C SER B 176 -8.34 -36.58 48.22
N SER B 177 -9.31 -37.46 48.05
CA SER B 177 -9.14 -38.65 47.20
C SER B 177 -8.53 -38.25 45.87
N GLY B 178 -8.41 -36.95 45.62
CA GLY B 178 -7.95 -36.54 44.27
C GLY B 178 -9.01 -36.83 43.21
N LEU B 179 -10.20 -37.24 43.65
CA LEU B 179 -11.33 -37.49 42.70
C LEU B 179 -12.35 -36.36 42.86
N TYR B 180 -13.28 -36.24 41.91
CA TYR B 180 -14.23 -35.11 41.95
C TYR B 180 -15.63 -35.56 42.39
N SER B 181 -16.41 -34.64 42.97
CA SER B 181 -17.82 -34.96 43.31
C SER B 181 -18.65 -33.69 43.08
N LEU B 182 -19.79 -33.81 42.42
CA LEU B 182 -20.67 -32.62 42.25
C LEU B 182 -22.12 -33.00 42.56
N SER B 183 -22.97 -31.98 42.75
CA SER B 183 -24.40 -32.23 43.02
C SER B 183 -25.25 -31.46 42.02
N SER B 184 -26.33 -32.06 41.54
CA SER B 184 -27.28 -31.33 40.65
C SER B 184 -28.64 -31.41 41.32
N VAL B 185 -29.24 -30.25 41.60
CA VAL B 185 -30.55 -30.21 42.31
C VAL B 185 -31.57 -29.52 41.42
N VAL B 186 -32.83 -29.93 41.52
CA VAL B 186 -33.92 -29.26 40.75
C VAL B 186 -35.05 -28.94 41.71
N THR B 187 -35.70 -27.80 41.52
CA THR B 187 -36.83 -27.37 42.37
C THR B 187 -38.11 -27.62 41.59
N VAL B 188 -39.06 -28.34 42.19
CA VAL B 188 -40.32 -28.70 41.49
C VAL B 188 -41.49 -28.46 42.43
N PRO B 189 -42.73 -28.33 41.94
CA PRO B 189 -43.88 -28.21 42.81
C PRO B 189 -44.07 -29.51 43.58
N SER B 190 -44.36 -29.43 44.88
CA SER B 190 -44.61 -30.65 45.67
C SER B 190 -45.73 -31.44 45.01
N SER B 191 -46.95 -30.91 45.01
CA SER B 191 -48.10 -31.55 44.32
C SER B 191 -47.62 -32.37 43.11
N SER B 192 -46.51 -31.96 42.48
CA SER B 192 -45.94 -32.54 41.23
C SER B 192 -45.42 -33.96 41.47
N LEU B 193 -44.65 -34.15 42.52
CA LEU B 193 -43.98 -35.47 42.77
C LEU B 193 -44.93 -36.63 42.50
N GLY B 194 -46.22 -36.47 42.80
CA GLY B 194 -47.16 -37.59 42.65
C GLY B 194 -47.26 -38.04 41.21
N THR B 195 -47.13 -37.12 40.26
CA THR B 195 -47.31 -37.48 38.83
C THR B 195 -45.98 -37.44 38.09
N GLN B 196 -45.30 -36.30 38.07
CA GLN B 196 -44.08 -36.21 37.24
C GLN B 196 -43.02 -37.20 37.72
N THR B 197 -42.30 -37.81 36.78
CA THR B 197 -41.19 -38.72 37.16
C THR B 197 -39.89 -38.01 36.81
N TYR B 198 -39.01 -37.83 37.78
CA TYR B 198 -37.76 -37.06 37.54
C TYR B 198 -36.58 -38.02 37.42
N ILE B 199 -35.81 -37.89 36.32
CA ILE B 199 -34.66 -38.79 36.07
C ILE B 199 -33.46 -37.95 35.65
N CYS B 200 -32.36 -38.03 36.39
CA CYS B 200 -31.12 -37.28 36.03
C CYS B 200 -30.27 -38.13 35.08
N ASN B 201 -29.68 -37.48 34.08
CA ASN B 201 -28.85 -38.10 33.01
C ASN B 201 -27.40 -37.63 33.20
N VAL B 202 -26.58 -38.52 33.75
CA VAL B 202 -25.15 -38.21 34.01
C VAL B 202 -24.31 -38.95 32.97
N ASN B 203 -23.31 -38.28 32.40
CA ASN B 203 -22.45 -38.90 31.38
C ASN B 203 -20.99 -38.55 31.68
N HIS B 204 -20.11 -39.54 31.75
CA HIS B 204 -18.66 -39.26 31.93
C HIS B 204 -17.91 -39.91 30.76
N LYS B 205 -17.90 -39.24 29.61
CA LYS B 205 -17.28 -39.83 28.39
C LYS B 205 -15.83 -40.24 28.68
N PRO B 206 -15.01 -39.42 29.39
CA PRO B 206 -13.67 -39.84 29.74
C PRO B 206 -13.69 -41.31 30.16
N SER B 207 -14.85 -41.82 30.57
CA SER B 207 -14.95 -43.21 31.06
C SER B 207 -16.04 -43.96 30.30
N ASN B 208 -16.62 -43.31 29.29
CA ASN B 208 -17.73 -43.94 28.55
C ASN B 208 -18.76 -44.47 29.55
N THR B 209 -19.00 -43.73 30.63
CA THR B 209 -20.03 -44.12 31.62
C THR B 209 -21.29 -43.27 31.39
N LYS B 210 -22.44 -43.91 31.22
CA LYS B 210 -23.71 -43.16 31.06
C LYS B 210 -24.73 -43.73 32.04
N VAL B 211 -25.27 -42.89 32.93
CA VAL B 211 -26.21 -43.38 33.96
C VAL B 211 -27.47 -42.52 33.95
N ASP B 212 -28.64 -43.17 33.97
CA ASP B 212 -29.92 -42.43 34.05
C ASP B 212 -30.57 -42.86 35.36
N LYS B 213 -30.44 -42.02 36.39
CA LYS B 213 -30.99 -42.36 37.73
C LYS B 213 -32.31 -41.62 37.93
N ARG B 214 -33.34 -42.35 38.36
CA ARG B 214 -34.64 -41.73 38.64
C ARG B 214 -34.70 -41.44 40.14
N VAL B 215 -35.05 -40.21 40.51
CA VAL B 215 -35.17 -39.85 41.95
C VAL B 215 -36.61 -40.09 42.38
N SER B 216 -36.82 -40.97 43.34
CA SER B 216 -38.20 -41.29 43.80
C SER B 216 -38.40 -40.79 45.23
N ALA B 217 -39.55 -40.18 45.50
CA ALA B 217 -39.85 -39.71 46.86
C ALA B 217 -39.52 -40.80 47.87
N ASP C 1 23.84 4.68 -25.84
CA ASP C 1 22.37 4.73 -26.00
C ASP C 1 21.91 3.57 -26.87
N VAL C 2 20.86 2.88 -26.43
CA VAL C 2 20.15 1.83 -27.19
C VAL C 2 19.35 2.51 -28.30
N VAL C 3 19.64 2.14 -29.56
CA VAL C 3 18.96 2.69 -30.77
C VAL C 3 17.73 1.85 -31.12
N MET C 4 16.62 2.55 -31.35
CA MET C 4 15.32 2.01 -31.80
C MET C 4 15.19 2.27 -33.31
N THR C 5 15.20 1.21 -34.10
CA THR C 5 14.94 1.26 -35.55
C THR C 5 13.46 0.95 -35.76
N GLN C 6 12.65 1.99 -35.95
CA GLN C 6 11.18 1.85 -36.10
C GLN C 6 10.88 1.91 -37.58
N THR C 7 9.97 1.10 -38.10
CA THR C 7 9.69 1.04 -39.56
C THR C 7 8.25 0.62 -39.80
N PRO C 8 7.63 1.05 -40.91
CA PRO C 8 8.23 2.03 -41.82
C PRO C 8 8.05 3.47 -41.31
N PRO C 9 8.74 4.45 -41.93
CA PRO C 9 8.62 5.84 -41.49
C PRO C 9 7.28 6.45 -41.88
N SER C 10 6.69 6.03 -43.00
CA SER C 10 5.33 6.44 -43.45
C SER C 10 4.52 5.18 -43.77
N LEU C 11 3.24 5.15 -43.37
CA LEU C 11 2.38 3.95 -43.55
C LEU C 11 1.01 4.37 -44.06
N PRO C 12 0.81 4.38 -45.40
CA PRO C 12 -0.51 4.60 -45.97
C PRO C 12 -1.39 3.33 -45.90
N VAL C 13 -2.62 3.52 -45.43
CA VAL C 13 -3.59 2.45 -45.05
C VAL C 13 -4.94 2.89 -45.59
N ASN C 14 -5.61 2.00 -46.34
CA ASN C 14 -7.02 2.17 -46.76
C ASN C 14 -7.83 2.01 -45.50
N PRO C 15 -8.87 2.84 -45.26
CA PRO C 15 -9.62 2.78 -44.00
C PRO C 15 -10.28 1.41 -43.88
N GLY C 16 -10.26 0.81 -42.68
CA GLY C 16 -10.80 -0.54 -42.43
C GLY C 16 -9.77 -1.64 -42.66
N GLU C 17 -8.65 -1.37 -43.34
CA GLU C 17 -7.56 -2.37 -43.51
C GLU C 17 -6.63 -2.33 -42.30
N PRO C 18 -5.82 -3.37 -42.02
CA PRO C 18 -4.88 -3.33 -40.89
C PRO C 18 -3.57 -2.54 -41.11
N ALA C 19 -2.86 -2.33 -40.00
CA ALA C 19 -1.55 -1.64 -40.02
C ALA C 19 -0.61 -2.37 -39.06
N SER C 20 0.64 -2.57 -39.46
CA SER C 20 1.65 -3.20 -38.57
C SER C 20 2.89 -2.32 -38.53
N ILE C 21 3.35 -1.95 -37.34
CA ILE C 21 4.54 -1.06 -37.17
C ILE C 21 5.60 -1.85 -36.40
N SER C 22 6.86 -1.71 -36.80
CA SER C 22 7.94 -2.50 -36.16
C SER C 22 8.94 -1.62 -35.43
N CYS C 23 9.37 -2.04 -34.25
CA CYS C 23 10.46 -1.34 -33.54
C CYS C 23 11.49 -2.41 -33.20
N ARG C 24 12.70 -2.27 -33.72
CA ARG C 24 13.79 -3.22 -33.37
C ARG C 24 14.84 -2.47 -32.54
N SER C 25 15.31 -3.08 -31.46
CA SER C 25 16.28 -2.44 -30.54
C SER C 25 17.69 -2.89 -30.87
N SER C 26 18.68 -2.05 -30.58
CA SER C 26 20.10 -2.39 -30.84
C SER C 26 20.63 -3.38 -29.81
N GLN C 27 19.84 -3.71 -28.79
CA GLN C 27 20.12 -4.81 -27.83
C GLN C 27 18.87 -5.13 -27.01
N SER C 28 18.87 -6.29 -26.35
CA SER C 28 17.70 -6.82 -25.61
C SER C 28 17.16 -5.69 -24.73
N LEU C 29 15.85 -5.58 -24.67
CA LEU C 29 15.15 -4.70 -23.71
C LEU C 29 14.66 -5.55 -22.53
N VAL C 30 15.24 -6.73 -22.31
CA VAL C 30 14.83 -7.54 -21.14
C VAL C 30 15.58 -6.97 -19.93
N HIS C 31 14.84 -6.34 -19.03
CA HIS C 31 15.38 -5.82 -17.75
C HIS C 31 15.89 -7.01 -16.94
N SER C 32 16.76 -6.77 -15.97
CA SER C 32 17.21 -7.83 -15.04
C SER C 32 16.03 -8.33 -14.19
N ASN C 33 14.99 -7.52 -13.99
CA ASN C 33 13.82 -7.90 -13.13
C ASN C 33 12.87 -8.82 -13.92
N GLY C 34 13.21 -9.15 -15.17
CA GLY C 34 12.42 -10.06 -16.01
C GLY C 34 11.47 -9.38 -16.98
N TYR C 35 11.01 -8.15 -16.71
CA TYR C 35 10.06 -7.42 -17.61
C TYR C 35 10.81 -6.78 -18.78
N THR C 36 10.03 -6.31 -19.76
CA THR C 36 10.54 -5.66 -21.00
C THR C 36 9.84 -4.32 -21.12
N TYR C 37 10.59 -3.21 -21.00
CA TYR C 37 10.00 -1.85 -20.91
C TYR C 37 10.02 -1.23 -22.31
N LEU C 38 9.15 -1.75 -23.16
CA LEU C 38 8.95 -1.30 -24.55
C LEU C 38 7.52 -0.79 -24.64
N HIS C 39 7.34 0.47 -25.03
CA HIS C 39 5.99 1.06 -24.99
C HIS C 39 5.66 1.76 -26.31
N TRP C 40 4.37 1.89 -26.61
CA TRP C 40 3.93 2.49 -27.89
C TRP C 40 3.09 3.73 -27.61
N TYR C 41 3.34 4.80 -28.36
CA TYR C 41 2.63 6.08 -28.13
C TYR C 41 2.16 6.63 -29.46
N LEU C 42 1.18 7.53 -29.42
CA LEU C 42 0.65 8.16 -30.64
C LEU C 42 0.50 9.66 -30.43
N GLN C 43 0.94 10.46 -31.38
CA GLN C 43 0.69 11.92 -31.31
C GLN C 43 -0.22 12.26 -32.48
N LYS C 44 -1.52 12.39 -32.22
CA LYS C 44 -2.49 12.77 -33.26
C LYS C 44 -2.27 14.23 -33.61
N PRO C 45 -2.51 14.65 -34.87
CA PRO C 45 -2.24 16.02 -35.27
C PRO C 45 -2.85 17.07 -34.34
N GLY C 46 -2.00 17.95 -33.79
CA GLY C 46 -2.45 19.06 -32.94
C GLY C 46 -2.68 18.63 -31.49
N GLN C 47 -2.12 17.51 -31.05
CA GLN C 47 -2.49 16.91 -29.74
C GLN C 47 -1.28 16.43 -28.94
N SER C 48 -1.52 16.20 -27.65
CA SER C 48 -0.45 15.70 -26.77
C SER C 48 -0.23 14.23 -27.08
N PRO C 49 1.01 13.72 -26.99
CA PRO C 49 1.23 12.31 -27.19
C PRO C 49 0.37 11.52 -26.21
N GLN C 50 0.00 10.28 -26.57
CA GLN C 50 -0.83 9.42 -25.70
C GLN C 50 -0.26 8.00 -25.66
N LEU C 51 -0.42 7.32 -24.53
CA LEU C 51 0.03 5.91 -24.42
C LEU C 51 -1.02 5.00 -25.01
N LEU C 52 -0.58 3.93 -25.66
CA LEU C 52 -1.52 2.94 -26.22
C LEU C 52 -1.16 1.60 -25.57
N ILE C 53 0.11 1.20 -25.65
CA ILE C 53 0.56 -0.10 -25.09
C ILE C 53 1.84 0.13 -24.28
N TYR C 54 1.93 -0.51 -23.11
CA TYR C 54 3.14 -0.39 -22.24
C TYR C 54 3.64 -1.77 -21.88
N LYS C 55 4.93 -1.89 -21.59
CA LYS C 55 5.51 -3.21 -21.25
C LYS C 55 5.03 -4.20 -22.31
N VAL C 56 5.28 -3.86 -23.58
CA VAL C 56 5.14 -4.72 -24.79
C VAL C 56 3.68 -4.91 -25.19
N SER C 57 2.83 -5.43 -24.31
CA SER C 57 1.45 -5.81 -24.70
C SER C 57 0.38 -5.31 -23.75
N ASN C 58 0.72 -4.50 -22.76
CA ASN C 58 -0.29 -4.08 -21.77
C ASN C 58 -1.04 -2.85 -22.27
N HIS C 59 -2.37 -2.90 -22.26
CA HIS C 59 -3.19 -1.76 -22.74
C HIS C 59 -3.65 -0.96 -21.54
N LEU C 60 -3.70 0.36 -21.67
CA LEU C 60 -4.28 1.16 -20.57
C LEU C 60 -5.79 1.20 -20.81
N SER C 61 -6.58 1.12 -19.75
CA SER C 61 -8.05 1.11 -19.89
C SER C 61 -8.45 2.21 -20.87
N GLY C 62 -9.26 1.87 -21.86
CA GLY C 62 -9.72 2.87 -22.84
C GLY C 62 -9.06 2.68 -24.18
N VAL C 63 -7.96 1.92 -24.23
CA VAL C 63 -7.31 1.62 -25.54
C VAL C 63 -8.02 0.41 -26.12
N PRO C 64 -8.75 0.57 -27.25
CA PRO C 64 -9.51 -0.53 -27.81
C PRO C 64 -8.60 -1.74 -28.07
N ASP C 65 -9.17 -2.93 -28.19
CA ASP C 65 -8.36 -4.15 -28.39
C ASP C 65 -7.88 -4.20 -29.84
N ARG C 66 -8.32 -3.26 -30.67
CA ARG C 66 -7.86 -3.19 -32.07
C ARG C 66 -6.36 -2.87 -32.04
N PHE C 67 -5.91 -2.21 -30.97
CA PHE C 67 -4.47 -1.93 -30.80
C PHE C 67 -3.85 -3.09 -30.02
N SER C 68 -2.92 -3.82 -30.63
CA SER C 68 -2.30 -4.99 -30.00
C SER C 68 -0.77 -4.89 -30.05
N GLY C 69 -0.11 -5.22 -28.94
CA GLY C 69 1.36 -5.18 -28.89
C GLY C 69 1.95 -6.57 -28.78
N SER C 70 3.08 -6.80 -29.43
CA SER C 70 3.73 -8.13 -29.42
C SER C 70 5.24 -7.97 -29.57
N GLY C 71 6.03 -8.94 -29.11
CA GLY C 71 7.48 -8.88 -29.31
C GLY C 71 8.29 -9.50 -28.20
N SER C 72 9.60 -9.66 -28.43
CA SER C 72 10.50 -10.25 -27.41
C SER C 72 11.94 -9.84 -27.71
N GLY C 73 12.65 -9.33 -26.72
CA GLY C 73 14.09 -9.02 -26.88
C GLY C 73 14.36 -7.80 -27.72
N THR C 74 14.51 -7.96 -29.02
CA THR C 74 14.90 -6.83 -29.90
C THR C 74 13.84 -6.61 -30.97
N ASP C 75 12.86 -7.49 -31.09
CA ASP C 75 11.86 -7.37 -32.16
C ASP C 75 10.48 -7.13 -31.57
N PHE C 76 9.83 -6.05 -31.99
CA PHE C 76 8.52 -5.67 -31.41
C PHE C 76 7.61 -5.15 -32.52
N THR C 77 6.32 -5.37 -32.38
CA THR C 77 5.31 -4.95 -33.38
C THR C 77 4.07 -4.42 -32.66
N LEU C 78 3.56 -3.28 -33.14
CA LEU C 78 2.19 -2.79 -32.87
C LEU C 78 1.32 -3.13 -34.08
N LYS C 79 0.24 -3.89 -33.88
CA LYS C 79 -0.79 -4.21 -34.90
C LYS C 79 -2.02 -3.35 -34.62
N ILE C 80 -2.58 -2.69 -35.64
CA ILE C 80 -3.93 -2.05 -35.55
C ILE C 80 -4.84 -2.86 -36.49
N SER C 81 -5.73 -3.68 -35.94
CA SER C 81 -6.44 -4.74 -36.71
C SER C 81 -7.47 -4.09 -37.66
N TRP C 82 -7.89 -2.87 -37.39
CA TRP C 82 -8.55 -2.02 -38.41
C TRP C 82 -8.31 -0.51 -38.13
N VAL C 83 -8.05 0.21 -39.21
CA VAL C 83 -7.67 1.64 -39.04
C VAL C 83 -8.85 2.55 -39.36
N GLU C 84 -9.20 3.39 -38.39
CA GLU C 84 -10.25 4.39 -38.62
C GLU C 84 -9.54 5.67 -39.05
N ALA C 85 -10.27 6.65 -39.57
CA ALA C 85 -9.62 7.86 -40.11
C ALA C 85 -9.05 8.72 -39.00
N GLU C 86 -9.43 8.44 -37.76
CA GLU C 86 -8.99 9.28 -36.61
C GLU C 86 -7.78 8.61 -35.96
N ASP C 87 -7.29 7.54 -36.56
CA ASP C 87 -6.09 6.84 -36.03
C ASP C 87 -4.86 7.46 -36.67
N VAL C 88 -5.07 8.43 -37.56
CA VAL C 88 -3.95 9.08 -38.29
C VAL C 88 -3.09 9.86 -37.30
N GLY C 89 -1.79 9.94 -37.55
CA GLY C 89 -0.86 10.60 -36.63
C GLY C 89 0.49 9.91 -36.64
N VAL C 90 1.35 10.22 -35.68
CA VAL C 90 2.69 9.58 -35.57
C VAL C 90 2.67 8.60 -34.40
N TYR C 91 2.82 7.32 -34.73
CA TYR C 91 3.01 6.21 -33.77
C TYR C 91 4.51 6.18 -33.51
N PHE C 92 4.91 5.98 -32.26
CA PHE C 92 6.35 5.83 -31.96
C PHE C 92 6.51 4.96 -30.72
N CYS C 93 7.58 4.15 -30.71
CA CYS C 93 7.93 3.34 -29.53
C CYS C 93 8.97 4.08 -28.66
N SER C 94 8.98 3.70 -27.38
CA SER C 94 9.93 4.11 -26.31
C SER C 94 10.47 2.83 -25.68
N GLN C 95 11.78 2.73 -25.46
CA GLN C 95 12.29 1.72 -24.51
C GLN C 95 12.74 2.52 -23.30
N SER C 96 12.49 2.01 -22.09
CA SER C 96 12.97 2.58 -20.81
C SER C 96 13.52 1.45 -19.94
N THR C 97 13.91 0.33 -20.56
CA THR C 97 14.73 -0.70 -19.87
C THR C 97 16.10 -0.09 -19.54
N HIS C 98 16.61 0.74 -20.45
CA HIS C 98 17.99 1.23 -20.48
C HIS C 98 17.98 2.76 -20.42
N VAL C 99 19.03 3.31 -19.80
CA VAL C 99 19.20 4.77 -19.56
C VAL C 99 20.33 5.26 -20.44
N PRO C 100 20.15 6.29 -21.29
CA PRO C 100 18.92 7.08 -21.31
C PRO C 100 17.77 6.35 -22.00
N TYR C 101 16.55 6.70 -21.58
CA TYR C 101 15.31 6.31 -22.27
C TYR C 101 15.46 6.79 -23.72
N THR C 102 15.02 6.01 -24.71
CA THR C 102 15.10 6.37 -26.15
C THR C 102 13.79 6.06 -26.86
N PHE C 103 13.73 6.36 -28.16
CA PHE C 103 12.49 6.55 -28.92
C PHE C 103 12.72 6.21 -30.38
N GLY C 104 11.81 5.46 -30.99
CA GLY C 104 11.80 5.21 -32.44
C GLY C 104 11.64 6.50 -33.18
N GLY C 105 12.08 6.53 -34.44
CA GLY C 105 12.00 7.73 -35.30
C GLY C 105 10.57 8.14 -35.56
N GLY C 106 9.62 7.21 -35.41
CA GLY C 106 8.20 7.45 -35.67
C GLY C 106 7.75 6.81 -36.97
N THR C 107 6.46 6.48 -37.03
CA THR C 107 5.73 6.04 -38.25
C THR C 107 4.55 6.98 -38.42
N LYS C 108 4.42 7.61 -39.58
CA LYS C 108 3.28 8.52 -39.88
C LYS C 108 2.19 7.72 -40.58
N LEU C 109 1.09 7.44 -39.87
CA LEU C 109 -0.08 6.72 -40.41
C LEU C 109 -0.91 7.73 -41.17
N GLU C 110 -1.17 7.46 -42.45
CA GLU C 110 -1.97 8.37 -43.29
C GLU C 110 -3.05 7.55 -43.99
N ILE C 111 -3.93 8.22 -44.72
CA ILE C 111 -5.03 7.54 -45.47
C ILE C 111 -4.60 7.33 -46.91
N LYS C 112 -4.62 6.09 -47.37
CA LYS C 112 -4.23 5.76 -48.76
C LYS C 112 -5.31 6.27 -49.70
N ARG C 113 -4.94 6.55 -50.94
CA ARG C 113 -5.88 7.13 -51.92
C ARG C 113 -5.35 6.71 -53.29
N THR C 114 -6.09 7.03 -54.35
CA THR C 114 -5.62 6.73 -55.71
C THR C 114 -4.53 7.74 -56.08
N VAL C 115 -3.55 7.32 -56.85
CA VAL C 115 -2.48 8.25 -57.29
C VAL C 115 -3.13 9.41 -58.01
N ALA C 116 -2.72 10.63 -57.69
CA ALA C 116 -3.21 11.83 -58.37
C ALA C 116 -1.97 12.65 -58.74
N ALA C 117 -1.83 12.98 -60.02
CA ALA C 117 -0.68 13.80 -60.44
C ALA C 117 -0.94 15.24 -59.99
N PRO C 118 0.10 16.01 -59.60
CA PRO C 118 -0.09 17.41 -59.25
C PRO C 118 -0.46 18.19 -60.52
N SER C 119 -1.34 19.18 -60.44
CA SER C 119 -1.35 20.27 -61.42
C SER C 119 -0.31 21.28 -60.93
N VAL C 120 0.50 21.78 -61.86
CA VAL C 120 1.72 22.57 -61.58
C VAL C 120 1.56 23.98 -62.19
N PHE C 121 1.83 24.99 -61.39
CA PHE C 121 1.76 26.40 -61.80
C PHE C 121 3.05 27.09 -61.38
N ILE C 122 3.53 27.99 -62.21
CA ILE C 122 4.72 28.82 -61.90
C ILE C 122 4.27 30.28 -61.85
N PHE C 123 4.76 31.00 -60.86
CA PHE C 123 4.41 32.41 -60.62
C PHE C 123 5.68 33.24 -60.73
N PRO C 124 5.83 34.13 -61.73
CA PRO C 124 6.96 35.06 -61.76
C PRO C 124 6.83 36.06 -60.63
N PRO C 125 7.91 36.79 -60.28
CA PRO C 125 7.85 37.79 -59.22
C PRO C 125 6.98 38.97 -59.64
N SER C 126 6.25 39.57 -58.71
CA SER C 126 5.42 40.79 -58.89
C SER C 126 6.33 41.98 -59.24
N ASP C 127 5.79 42.94 -60.00
CA ASP C 127 6.45 44.26 -60.19
C ASP C 127 6.70 44.87 -58.80
N GLU C 128 5.71 44.82 -57.91
CA GLU C 128 5.81 45.39 -56.54
C GLU C 128 7.10 44.88 -55.88
N GLN C 129 7.29 43.56 -55.84
CA GLN C 129 8.42 42.94 -55.09
C GLN C 129 9.76 43.32 -55.75
N LEU C 130 9.76 43.50 -57.07
CA LEU C 130 11.02 43.79 -57.79
C LEU C 130 11.58 45.16 -57.37
N LYS C 131 10.71 46.14 -57.19
CA LYS C 131 11.15 47.48 -56.73
C LYS C 131 11.82 47.36 -55.37
N SER C 132 11.88 46.15 -54.80
CA SER C 132 12.43 45.99 -53.43
C SER C 132 13.80 45.32 -53.46
N GLY C 133 14.32 45.01 -54.65
CA GLY C 133 15.68 44.47 -54.75
C GLY C 133 15.72 42.97 -54.50
N THR C 134 14.55 42.35 -54.39
CA THR C 134 14.47 40.89 -54.13
C THR C 134 13.52 40.26 -55.15
N ALA C 135 13.77 39.01 -55.52
CA ALA C 135 12.93 38.33 -56.52
C ALA C 135 12.65 36.89 -56.08
N SER C 136 11.36 36.54 -55.99
CA SER C 136 10.97 35.19 -55.54
C SER C 136 10.10 34.52 -56.59
N VAL C 137 10.53 33.37 -57.09
CA VAL C 137 9.71 32.61 -58.07
C VAL C 137 9.07 31.45 -57.33
N VAL C 138 7.75 31.34 -57.40
CA VAL C 138 6.98 30.28 -56.67
C VAL C 138 6.53 29.22 -57.67
N CYS C 139 6.72 27.97 -57.31
CA CYS C 139 6.18 26.80 -58.03
C CYS C 139 5.18 26.07 -57.14
N LEU C 140 3.97 25.84 -57.67
CA LEU C 140 2.89 25.18 -56.89
C LEU C 140 2.57 23.79 -57.43
N LEU C 141 2.58 22.79 -56.56
CA LEU C 141 2.16 21.43 -56.93
C LEU C 141 0.83 21.24 -56.20
N ASN C 142 -0.29 21.21 -56.92
CA ASN C 142 -1.61 21.21 -56.23
C ASN C 142 -2.30 19.84 -56.21
N ASN C 143 -2.80 19.44 -55.05
CA ASN C 143 -3.60 18.19 -54.90
C ASN C 143 -2.94 17.01 -55.60
N PHE C 144 -1.99 16.36 -54.93
CA PHE C 144 -1.31 15.18 -55.52
C PHE C 144 -1.20 14.06 -54.50
N TYR C 145 -1.10 12.82 -54.97
CA TYR C 145 -0.86 11.66 -54.08
C TYR C 145 -0.08 10.60 -54.87
N PRO C 146 0.91 9.94 -54.27
CA PRO C 146 1.29 10.15 -52.87
C PRO C 146 2.16 11.38 -52.61
N ARG C 147 2.58 11.63 -51.36
CA ARG C 147 3.39 12.86 -51.08
C ARG C 147 4.72 12.90 -51.83
N GLU C 148 5.37 11.76 -52.03
CA GLU C 148 6.71 11.78 -52.68
CA GLU C 148 6.71 11.77 -52.69
C GLU C 148 6.72 12.52 -54.03
N ALA C 149 7.37 13.68 -54.02
CA ALA C 149 7.45 14.48 -55.25
C ALA C 149 8.76 15.27 -55.25
N LYS C 150 9.35 15.49 -56.44
CA LYS C 150 10.61 16.27 -56.54
C LYS C 150 10.40 17.49 -57.41
N VAL C 151 10.86 18.66 -56.94
CA VAL C 151 10.79 19.91 -57.75
C VAL C 151 12.23 20.34 -57.97
N GLN C 152 12.60 20.58 -59.22
CA GLN C 152 13.96 21.07 -59.53
C GLN C 152 13.82 22.39 -60.27
N TRP C 153 14.64 23.37 -59.91
CA TRP C 153 14.56 24.71 -60.52
C TRP C 153 15.69 24.88 -61.53
N LYS C 154 15.37 25.48 -62.68
CA LYS C 154 16.42 25.74 -63.69
C LYS C 154 16.31 27.20 -64.17
N VAL C 155 17.44 27.89 -64.24
CA VAL C 155 17.52 29.30 -64.69
C VAL C 155 18.45 29.29 -65.90
N ASP C 156 17.90 29.60 -67.08
CA ASP C 156 18.64 29.49 -68.37
C ASP C 156 19.28 28.10 -68.47
N ASN C 157 18.53 27.06 -68.06
CA ASN C 157 18.89 25.62 -68.21
C ASN C 157 19.86 25.17 -67.12
N ALA C 158 20.41 26.07 -66.30
CA ALA C 158 21.33 25.75 -65.19
C ALA C 158 20.53 25.25 -63.98
N LEU C 159 20.72 23.98 -63.61
CA LEU C 159 20.13 23.42 -62.37
C LEU C 159 20.51 24.34 -61.21
N GLN C 160 19.54 24.68 -60.36
CA GLN C 160 19.79 25.61 -59.24
C GLN C 160 19.91 24.81 -57.95
N SER C 161 20.81 25.23 -57.05
CA SER C 161 20.99 24.55 -55.74
C SER C 161 21.18 25.56 -54.61
N GLY C 162 20.45 25.40 -53.50
CA GLY C 162 20.65 26.25 -52.32
C GLY C 162 19.79 27.50 -52.30
N ASN C 163 19.09 27.79 -53.39
CA ASN C 163 18.30 29.05 -53.51
C ASN C 163 16.81 28.73 -53.42
N SER C 164 16.45 27.54 -52.93
CA SER C 164 15.02 27.14 -52.94
C SER C 164 14.57 26.59 -51.59
N GLN C 165 13.34 26.89 -51.19
CA GLN C 165 12.76 26.34 -49.94
C GLN C 165 11.35 25.86 -50.25
N GLU C 166 10.79 24.97 -49.44
CA GLU C 166 9.47 24.42 -49.77
C GLU C 166 8.71 23.90 -48.55
N SER C 167 7.40 24.13 -48.50
CA SER C 167 6.57 23.47 -47.46
C SER C 167 5.47 22.69 -48.15
N VAL C 168 4.90 21.77 -47.39
CA VAL C 168 3.81 20.84 -47.82
C VAL C 168 2.65 20.99 -46.84
N THR C 169 1.43 20.90 -47.33
CA THR C 169 0.22 20.92 -46.48
C THR C 169 0.07 19.55 -45.86
N GLU C 170 -0.63 19.51 -44.72
CA GLU C 170 -1.11 18.24 -44.13
C GLU C 170 -2.19 17.66 -45.08
N GLN C 171 -2.34 16.34 -45.03
CA GLN C 171 -3.24 15.59 -45.95
C GLN C 171 -4.67 16.17 -45.84
N ASP C 172 -5.27 16.55 -46.98
CA ASP C 172 -6.56 17.27 -47.03
C ASP C 172 -7.65 16.42 -46.36
N SER C 173 -8.52 17.05 -45.58
CA SER C 173 -9.61 16.35 -44.85
C SER C 173 -10.60 15.72 -45.84
N LYS C 174 -10.84 16.33 -47.01
CA LYS C 174 -11.84 15.85 -48.00
C LYS C 174 -11.25 14.84 -48.99
N ASP C 175 -10.20 15.22 -49.75
CA ASP C 175 -9.70 14.43 -50.91
C ASP C 175 -8.36 13.73 -50.60
N SER C 176 -7.83 13.82 -49.38
CA SER C 176 -6.69 12.97 -48.92
C SER C 176 -5.40 13.26 -49.73
N THR C 177 -5.33 14.40 -50.42
CA THR C 177 -4.16 14.86 -51.21
C THR C 177 -3.22 15.76 -50.38
N TYR C 178 -1.97 15.86 -50.86
CA TYR C 178 -0.94 16.80 -50.40
C TYR C 178 -0.83 17.95 -51.42
N SER C 179 -0.38 19.11 -50.99
CA SER C 179 0.00 20.23 -51.89
C SER C 179 1.35 20.80 -51.44
N LEU C 180 2.09 21.43 -52.33
CA LEU C 180 3.51 21.77 -52.09
C LEU C 180 3.80 23.07 -52.82
N SER C 181 4.55 23.98 -52.18
CA SER C 181 5.06 25.18 -52.85
C SER C 181 6.55 25.27 -52.62
N SER C 182 7.27 25.59 -53.70
CA SER C 182 8.73 25.81 -53.62
C SER C 182 8.98 27.25 -54.04
N THR C 183 9.87 27.94 -53.33
CA THR C 183 10.19 29.34 -53.70
C THR C 183 11.65 29.47 -54.10
N LEU C 184 11.92 30.03 -55.27
CA LEU C 184 13.32 30.32 -55.68
C LEU C 184 13.56 31.80 -55.36
N THR C 185 14.48 32.08 -54.44
CA THR C 185 14.73 33.48 -54.01
C THR C 185 16.06 33.95 -54.61
N LEU C 186 16.00 34.95 -55.49
CA LEU C 186 17.21 35.48 -56.16
C LEU C 186 17.25 36.99 -55.96
N SER C 187 18.42 37.60 -56.14
CA SER C 187 18.55 39.07 -56.02
C SER C 187 18.04 39.72 -57.29
N LYS C 188 17.29 40.81 -57.16
CA LYS C 188 16.83 41.55 -58.35
C LYS C 188 17.98 41.59 -59.36
N ALA C 189 19.20 41.77 -58.87
CA ALA C 189 20.38 41.81 -59.77
C ALA C 189 20.53 40.45 -60.48
N ASP C 190 20.53 39.35 -59.74
CA ASP C 190 20.79 38.04 -60.41
C ASP C 190 19.60 37.69 -61.32
N TYR C 191 18.38 38.01 -60.89
CA TYR C 191 17.17 37.63 -61.67
C TYR C 191 17.22 38.25 -63.05
N GLU C 192 17.53 39.53 -63.14
CA GLU C 192 17.56 40.23 -64.46
CA GLU C 192 17.56 40.24 -64.46
C GLU C 192 18.74 39.81 -65.35
N LYS C 193 19.60 38.99 -64.78
CA LYS C 193 20.79 38.53 -65.53
C LYS C 193 20.44 37.28 -66.36
N HIS C 194 19.26 36.73 -66.16
CA HIS C 194 18.83 35.52 -66.90
C HIS C 194 17.42 35.72 -67.46
N LYS C 195 17.04 34.94 -68.47
CA LYS C 195 15.72 35.12 -69.14
C LYS C 195 14.76 34.02 -68.71
N VAL C 196 15.20 32.75 -68.76
CA VAL C 196 14.30 31.57 -68.69
C VAL C 196 14.33 30.93 -67.30
N TYR C 197 13.17 30.98 -66.62
CA TYR C 197 12.86 30.35 -65.32
C TYR C 197 11.90 29.18 -65.56
N ALA C 198 12.32 28.01 -65.09
CA ALA C 198 11.62 26.72 -65.28
C ALA C 198 11.54 25.99 -63.95
N CYS C 199 10.40 25.37 -63.73
CA CYS C 199 10.10 24.52 -62.57
C CYS C 199 9.82 23.13 -63.10
N GLU C 200 10.59 22.12 -62.70
CA GLU C 200 10.43 20.73 -63.18
C GLU C 200 9.90 19.86 -62.06
N VAL C 201 8.81 19.13 -62.31
CA VAL C 201 8.17 18.32 -61.24
C VAL C 201 8.19 16.84 -61.59
N THR C 202 8.62 16.01 -60.66
CA THR C 202 8.65 14.54 -60.86
C THR C 202 7.69 13.90 -59.86
N HIS C 203 6.63 13.25 -60.35
CA HIS C 203 5.71 12.50 -59.48
C HIS C 203 5.29 11.24 -60.22
N GLN C 204 4.98 10.17 -59.50
CA GLN C 204 4.62 8.87 -60.11
C GLN C 204 3.32 8.98 -60.91
N GLY C 205 2.54 10.03 -60.66
CA GLY C 205 1.30 10.24 -61.40
C GLY C 205 1.58 10.76 -62.78
N LEU C 206 2.83 11.12 -63.03
CA LEU C 206 3.23 11.66 -64.36
C LEU C 206 4.15 10.65 -65.05
N SER C 207 3.87 10.32 -66.31
CA SER C 207 4.69 9.35 -67.08
C SER C 207 6.11 9.91 -67.25
N SER C 208 6.22 11.24 -67.33
CA SER C 208 7.47 12.02 -67.48
C SER C 208 7.37 13.26 -66.63
N PRO C 209 8.49 13.90 -66.22
CA PRO C 209 8.42 15.16 -65.48
C PRO C 209 7.73 16.25 -66.31
N VAL C 210 6.90 17.08 -65.69
CA VAL C 210 6.31 18.28 -66.36
C VAL C 210 7.17 19.48 -65.99
N THR C 211 7.47 20.33 -66.95
CA THR C 211 8.18 21.60 -66.73
C THR C 211 7.21 22.75 -66.98
N LYS C 212 7.15 23.69 -66.05
CA LYS C 212 6.39 24.94 -66.24
C LYS C 212 7.46 26.03 -66.31
N SER C 213 7.41 26.89 -67.33
CA SER C 213 8.51 27.87 -67.52
C SER C 213 7.98 29.25 -67.93
N PHE C 214 8.82 30.27 -67.81
CA PHE C 214 8.43 31.63 -68.27
C PHE C 214 9.67 32.41 -68.70
N ASN C 215 9.46 33.46 -69.50
CA ASN C 215 10.59 34.34 -69.92
C ASN C 215 10.39 35.69 -69.21
N ARG C 216 11.44 36.23 -68.60
CA ARG C 216 11.32 37.50 -67.83
C ARG C 216 10.65 38.56 -68.68
N GLY C 217 9.62 39.21 -68.14
CA GLY C 217 8.95 40.31 -68.87
C GLY C 217 8.09 39.81 -69.99
N GLU C 218 7.03 39.08 -69.68
CA GLU C 218 6.09 38.60 -70.70
C GLU C 218 4.72 38.38 -70.05
N ASP D 1 8.70 -5.57 38.08
CA ASP D 1 7.35 -5.54 37.48
C ASP D 1 6.57 -4.32 37.97
N VAL D 2 5.89 -3.66 37.04
CA VAL D 2 4.83 -2.67 37.33
C VAL D 2 3.61 -3.38 37.86
N VAL D 3 3.22 -3.09 39.11
CA VAL D 3 2.01 -3.67 39.78
C VAL D 3 0.78 -2.85 39.43
N MET D 4 -0.28 -3.54 39.05
CA MET D 4 -1.61 -2.96 38.77
C MET D 4 -2.56 -3.32 39.89
N THR D 5 -2.90 -2.34 40.70
CA THR D 5 -3.80 -2.45 41.87
C THR D 5 -5.19 -2.04 41.42
N GLN D 6 -6.03 -3.00 41.04
CA GLN D 6 -7.39 -2.76 40.50
C GLN D 6 -8.40 -2.92 41.63
N THR D 7 -9.47 -2.12 41.65
CA THR D 7 -10.49 -2.15 42.74
C THR D 7 -11.83 -1.65 42.23
N PRO D 8 -12.96 -2.09 42.80
CA PRO D 8 -12.98 -3.14 43.82
C PRO D 8 -12.88 -4.53 43.19
N PRO D 9 -12.52 -5.56 43.99
CA PRO D 9 -12.60 -6.97 43.55
C PRO D 9 -13.96 -7.46 43.00
N SER D 10 -15.07 -7.10 43.66
CA SER D 10 -16.46 -7.40 43.19
C SER D 10 -17.27 -6.11 43.16
N LEU D 11 -18.15 -5.97 42.17
CA LEU D 11 -18.96 -4.74 42.02
C LEU D 11 -20.40 -5.07 41.65
N PRO D 12 -21.29 -5.21 42.66
CA PRO D 12 -22.72 -5.30 42.42
C PRO D 12 -23.34 -3.93 42.10
N VAL D 13 -24.14 -3.90 41.03
CA VAL D 13 -24.66 -2.68 40.35
C VAL D 13 -26.14 -2.91 40.08
N ASN D 14 -27.01 -1.97 40.49
CA ASN D 14 -28.45 -1.99 40.13
C ASN D 14 -28.54 -1.73 38.62
N PRO D 15 -29.34 -2.50 37.84
CA PRO D 15 -29.35 -2.35 36.39
C PRO D 15 -29.88 -0.95 36.04
N GLY D 16 -29.28 -0.29 35.06
CA GLY D 16 -29.52 1.14 34.75
C GLY D 16 -28.69 2.11 35.59
N GLU D 17 -28.11 1.68 36.71
CA GLU D 17 -27.21 2.50 37.58
C GLU D 17 -25.76 2.40 37.04
N PRO D 18 -24.84 3.32 37.40
CA PRO D 18 -23.46 3.23 36.91
C PRO D 18 -22.52 2.26 37.66
N ALA D 19 -21.34 2.04 37.06
CA ALA D 19 -20.29 1.21 37.67
C ALA D 19 -18.96 1.93 37.45
N SER D 20 -18.09 1.94 38.47
CA SER D 20 -16.77 2.61 38.35
C SER D 20 -15.67 1.69 38.84
N ILE D 21 -14.70 1.37 37.98
CA ILE D 21 -13.58 0.46 38.34
C ILE D 21 -12.29 1.25 38.26
N SER D 22 -11.35 1.02 39.17
CA SER D 22 -10.12 1.85 39.20
C SER D 22 -8.86 1.00 39.10
N CYS D 23 -7.86 1.49 38.37
CA CYS D 23 -6.58 0.77 38.21
C CYS D 23 -5.47 1.73 38.66
N ARG D 24 -4.57 1.25 39.50
CA ARG D 24 -3.44 2.08 39.98
C ARG D 24 -2.13 1.42 39.53
N SER D 25 -1.17 2.22 39.08
CA SER D 25 0.13 1.69 38.61
C SER D 25 1.22 2.00 39.63
N SER D 26 2.11 1.04 39.87
CA SER D 26 3.27 1.30 40.76
C SER D 26 4.28 2.27 40.14
N GLN D 27 4.07 2.70 38.88
CA GLN D 27 4.85 3.80 38.25
C GLN D 27 4.17 4.27 36.95
N SER D 28 4.55 5.46 36.47
CA SER D 28 3.92 6.12 35.30
C SER D 28 3.82 5.08 34.19
N LEU D 29 2.70 5.07 33.48
CA LEU D 29 2.54 4.28 32.24
C LEU D 29 2.72 5.20 31.03
N VAL D 30 3.36 6.36 31.20
CA VAL D 30 3.63 7.24 30.03
C VAL D 30 4.87 6.69 29.34
N HIS D 31 4.68 6.14 28.15
CA HIS D 31 5.77 5.62 27.28
C HIS D 31 6.68 6.79 26.89
N SER D 32 7.91 6.51 26.47
CA SER D 32 8.81 7.56 25.94
C SER D 32 8.23 8.16 24.65
N ASN D 33 7.37 7.44 23.92
CA ASN D 33 6.81 7.93 22.63
C ASN D 33 5.64 8.89 22.91
N GLY D 34 5.34 9.16 24.18
CA GLY D 34 4.27 10.11 24.55
C GLY D 34 2.93 9.46 24.89
N TYR D 35 2.62 8.27 24.37
CA TYR D 35 1.32 7.58 24.59
C TYR D 35 1.33 6.84 25.95
N THR D 36 0.17 6.36 26.36
CA THR D 36 -0.04 5.64 27.65
C THR D 36 -0.75 4.31 27.31
N TYR D 37 -0.07 3.18 27.52
CA TYR D 37 -0.55 1.85 27.08
C TYR D 37 -1.25 1.19 28.27
N LEU D 38 -2.41 1.74 28.61
CA LEU D 38 -3.30 1.24 29.67
C LEU D 38 -4.61 0.83 28.98
N HIS D 39 -4.98 -0.43 29.12
CA HIS D 39 -6.15 -0.93 28.37
C HIS D 39 -7.12 -1.65 29.29
N TRP D 40 -8.38 -1.72 28.90
CA TRP D 40 -9.43 -2.37 29.74
C TRP D 40 -10.02 -3.54 28.97
N TYR D 41 -10.13 -4.69 29.63
CA TYR D 41 -10.65 -5.90 28.96
C TYR D 41 -11.77 -6.51 29.80
N LEU D 42 -12.72 -7.17 29.14
CA LEU D 42 -13.83 -7.82 29.85
C LEU D 42 -13.91 -9.29 29.44
N GLN D 43 -14.08 -10.18 30.42
CA GLN D 43 -14.30 -11.61 30.07
C GLN D 43 -15.75 -11.93 30.45
N LYS D 44 -16.62 -12.01 29.45
CA LYS D 44 -18.03 -12.32 29.72
C LYS D 44 -18.16 -13.80 30.08
N PRO D 45 -19.00 -14.16 31.07
CA PRO D 45 -19.14 -15.55 31.51
C PRO D 45 -19.05 -16.60 30.39
N GLY D 46 -18.12 -17.55 30.52
CA GLY D 46 -18.04 -18.66 29.55
C GLY D 46 -17.56 -18.23 28.16
N GLN D 47 -16.81 -17.13 28.07
CA GLN D 47 -16.39 -16.56 26.77
C GLN D 47 -14.91 -16.14 26.78
N SER D 48 -14.38 -15.90 25.58
CA SER D 48 -12.99 -15.41 25.49
C SER D 48 -12.96 -13.96 25.96
N PRO D 49 -11.88 -13.48 26.60
CA PRO D 49 -11.79 -12.07 26.97
C PRO D 49 -11.91 -11.17 25.73
N GLN D 50 -12.38 -9.94 25.91
CA GLN D 50 -12.59 -9.00 24.77
C GLN D 50 -12.06 -7.61 25.13
N LEU D 51 -11.62 -6.85 24.13
CA LEU D 51 -11.11 -5.49 24.36
C LEU D 51 -12.29 -4.53 24.45
N LEU D 52 -12.20 -3.54 25.35
CA LEU D 52 -13.25 -2.51 25.46
C LEU D 52 -12.60 -1.17 25.14
N ILE D 53 -11.55 -0.80 25.87
CA ILE D 53 -10.87 0.50 25.68
C ILE D 53 -9.37 0.25 25.60
N TYR D 54 -8.68 0.94 24.70
CA TYR D 54 -7.21 0.81 24.59
C TYR D 54 -6.58 2.19 24.74
N LYS D 55 -5.31 2.22 25.14
CA LYS D 55 -4.64 3.54 25.23
C LYS D 55 -5.57 4.51 25.98
N VAL D 56 -5.99 4.08 27.18
CA VAL D 56 -6.72 4.86 28.23
C VAL D 56 -8.18 5.12 27.86
N SER D 57 -8.45 5.70 26.69
CA SER D 57 -9.82 6.15 26.36
C SER D 57 -10.28 5.72 24.97
N ASN D 58 -9.43 5.02 24.22
CA ASN D 58 -9.78 4.71 22.82
C ASN D 58 -10.72 3.51 22.77
N HIS D 59 -11.75 3.57 21.93
CA HIS D 59 -12.80 2.52 21.91
C HIS D 59 -12.65 1.60 20.71
N LEU D 60 -13.13 0.36 20.84
CA LEU D 60 -13.15 -0.55 19.68
C LEU D 60 -14.38 -0.18 18.86
N SER D 61 -14.43 -0.55 17.58
CA SER D 61 -15.53 -0.09 16.70
C SER D 61 -16.90 -0.46 17.27
N GLY D 62 -16.99 -1.48 18.10
CA GLY D 62 -18.31 -1.91 18.58
C GLY D 62 -18.69 -1.35 19.92
N VAL D 63 -17.70 -0.99 20.75
CA VAL D 63 -18.01 -0.55 22.14
C VAL D 63 -18.81 0.76 22.12
N PRO D 64 -19.96 0.82 22.81
CA PRO D 64 -20.75 2.04 22.91
C PRO D 64 -20.13 3.05 23.88
N ASP D 65 -20.47 4.33 23.73
CA ASP D 65 -19.86 5.40 24.56
C ASP D 65 -20.16 5.18 26.05
N ARG D 66 -21.18 4.38 26.35
CA ARG D 66 -21.57 4.19 27.77
C ARG D 66 -20.36 3.61 28.50
N PHE D 67 -19.35 3.16 27.75
CA PHE D 67 -18.09 2.67 28.36
C PHE D 67 -17.06 3.79 28.22
N SER D 68 -16.54 4.30 29.33
CA SER D 68 -15.63 5.47 29.24
C SER D 68 -14.33 5.23 30.00
N GLY D 69 -13.21 5.56 29.37
CA GLY D 69 -11.90 5.42 30.03
C GLY D 69 -11.28 6.77 30.31
N SER D 70 -10.69 6.91 31.49
CA SER D 70 -10.08 8.18 31.91
C SER D 70 -8.87 7.87 32.77
N GLY D 71 -7.97 8.84 32.93
CA GLY D 71 -6.82 8.64 33.82
C GLY D 71 -5.54 9.22 33.27
N SER D 72 -4.50 9.26 34.10
CA SER D 72 -3.18 9.76 33.68
C SER D 72 -2.11 9.18 34.59
N GLY D 73 -0.90 8.97 34.06
CA GLY D 73 0.22 8.49 34.88
C GLY D 73 -0.03 7.18 35.58
N THR D 74 -0.34 7.22 36.87
CA THR D 74 -0.49 5.98 37.66
C THR D 74 -1.93 5.77 38.10
N ASP D 75 -2.86 6.61 37.66
CA ASP D 75 -4.26 6.51 38.15
C ASP D 75 -5.21 6.44 36.97
N PHE D 76 -6.06 5.41 36.91
CA PHE D 76 -6.93 5.24 35.73
C PHE D 76 -8.29 4.70 36.17
N THR D 77 -9.34 4.99 35.39
CA THR D 77 -10.70 4.58 35.81
C THR D 77 -11.58 4.25 34.61
N LEU D 78 -12.26 3.10 34.63
CA LEU D 78 -13.25 2.78 33.58
C LEU D 78 -14.63 3.03 34.18
N LYS D 79 -15.53 3.66 33.42
CA LYS D 79 -16.90 3.89 33.91
C LYS D 79 -17.91 3.26 32.97
N ILE D 80 -18.79 2.43 33.51
CA ILE D 80 -19.90 1.86 32.70
C ILE D 80 -21.16 2.56 33.20
N SER D 81 -21.91 3.18 32.30
CA SER D 81 -23.05 4.00 32.77
C SER D 81 -24.33 3.18 32.92
N TRP D 82 -24.98 2.84 31.81
CA TRP D 82 -26.29 2.15 31.93
C TRP D 82 -26.08 0.65 32.06
N VAL D 83 -25.56 0.21 33.20
CA VAL D 83 -25.21 -1.23 33.37
C VAL D 83 -26.40 -2.09 32.97
N GLU D 84 -26.23 -2.87 31.88
CA GLU D 84 -27.30 -3.79 31.42
C GLU D 84 -27.01 -5.17 32.00
N ALA D 85 -27.66 -6.21 31.47
CA ALA D 85 -27.43 -7.59 31.94
C ALA D 85 -26.30 -8.22 31.14
N GLU D 86 -26.07 -7.71 29.93
CA GLU D 86 -24.98 -8.23 29.07
C GLU D 86 -23.64 -7.83 29.66
N ASP D 87 -23.64 -6.90 30.61
CA ASP D 87 -22.37 -6.38 31.15
C ASP D 87 -21.77 -7.32 32.20
N VAL D 88 -22.54 -8.27 32.73
CA VAL D 88 -22.00 -9.12 33.82
C VAL D 88 -20.72 -9.81 33.30
N GLY D 89 -19.66 -9.79 34.09
CA GLY D 89 -18.38 -10.45 33.75
C GLY D 89 -17.24 -9.97 34.61
N VAL D 90 -15.99 -10.24 34.23
CA VAL D 90 -14.78 -9.74 34.92
C VAL D 90 -14.10 -8.69 34.03
N TYR D 91 -14.10 -7.45 34.50
CA TYR D 91 -13.38 -6.30 33.89
C TYR D 91 -11.96 -6.35 34.43
N PHE D 92 -10.95 -6.10 33.60
CA PHE D 92 -9.56 -6.03 34.09
C PHE D 92 -8.73 -5.11 33.21
N CYS D 93 -7.78 -4.40 33.82
CA CYS D 93 -6.81 -3.55 33.10
C CYS D 93 -5.54 -4.35 32.76
N SER D 94 -4.87 -3.92 31.67
CA SER D 94 -3.49 -4.28 31.28
C SER D 94 -2.69 -2.99 31.14
N GLN D 95 -1.47 -2.92 31.67
CA GLN D 95 -0.47 -1.95 31.16
C GLN D 95 0.51 -2.73 30.29
N SER D 96 0.89 -2.17 29.15
CA SER D 96 1.94 -2.71 28.23
C SER D 96 2.91 -1.60 27.84
N THR D 97 2.98 -0.54 28.62
CA THR D 97 4.06 0.47 28.52
C THR D 97 5.38 -0.20 28.87
N HIS D 98 5.35 -1.10 29.86
CA HIS D 98 6.53 -1.66 30.54
C HIS D 98 6.54 -3.18 30.43
N VAL D 99 7.74 -3.77 30.42
CA VAL D 99 7.97 -5.23 30.28
C VAL D 99 8.48 -5.77 31.61
N PRO D 100 7.85 -6.79 32.21
CA PRO D 100 6.75 -7.52 31.58
C PRO D 100 5.44 -6.74 31.57
N TYR D 101 4.61 -6.98 30.57
CA TYR D 101 3.19 -6.53 30.58
C TYR D 101 2.59 -7.09 31.86
N THR D 102 1.70 -6.33 32.50
CA THR D 102 1.02 -6.74 33.75
C THR D 102 -0.47 -6.42 33.64
N PHE D 103 -1.21 -6.84 34.65
CA PHE D 103 -2.68 -6.96 34.61
C PHE D 103 -3.25 -6.75 36.00
N GLY D 104 -4.33 -5.98 36.11
CA GLY D 104 -5.10 -5.84 37.35
C GLY D 104 -5.66 -7.19 37.76
N GLY D 105 -5.93 -7.36 39.07
CA GLY D 105 -6.49 -8.60 39.63
C GLY D 105 -7.88 -8.89 39.08
N GLY D 106 -8.57 -7.88 38.57
CA GLY D 106 -9.94 -8.05 38.03
C GLY D 106 -10.96 -7.47 38.98
N THR D 107 -12.09 -7.04 38.41
CA THR D 107 -13.33 -6.66 39.13
C THR D 107 -14.47 -7.51 38.56
N LYS D 108 -15.24 -8.21 39.40
CA LYS D 108 -16.40 -9.02 38.92
C LYS D 108 -17.68 -8.18 38.98
N LEU D 109 -18.27 -7.87 37.83
CA LEU D 109 -19.54 -7.12 37.82
C LEU D 109 -20.70 -8.10 37.97
N GLU D 110 -21.46 -7.97 39.06
CA GLU D 110 -22.67 -8.79 39.24
C GLU D 110 -23.87 -7.86 39.37
N ILE D 111 -25.06 -8.32 38.99
CA ILE D 111 -26.30 -7.51 39.12
C ILE D 111 -26.72 -7.46 40.60
N LYS D 112 -27.10 -6.28 41.09
CA LYS D 112 -27.59 -6.15 42.49
C LYS D 112 -29.07 -6.54 42.53
N ARG D 113 -29.53 -7.05 43.66
CA ARG D 113 -30.91 -7.57 43.73
C ARG D 113 -31.46 -7.34 45.14
N THR D 114 -32.79 -7.36 45.28
CA THR D 114 -33.38 -7.26 46.63
C THR D 114 -32.94 -8.50 47.41
N VAL D 115 -32.52 -8.31 48.65
CA VAL D 115 -32.06 -9.45 49.48
C VAL D 115 -33.15 -10.52 49.51
N ALA D 116 -32.77 -11.77 49.26
CA ALA D 116 -33.70 -12.90 49.31
C ALA D 116 -33.05 -14.01 50.12
N ALA D 117 -33.78 -14.53 51.10
CA ALA D 117 -33.24 -15.59 51.98
C ALA D 117 -33.19 -16.90 51.21
N PRO D 118 -32.31 -17.83 51.62
CA PRO D 118 -32.22 -19.11 50.94
C PRO D 118 -33.31 -20.10 51.31
N SER D 119 -33.74 -20.92 50.35
CA SER D 119 -34.67 -22.03 50.68
C SER D 119 -33.75 -23.17 51.10
N VAL D 120 -33.89 -23.69 52.31
CA VAL D 120 -32.90 -24.69 52.80
C VAL D 120 -33.49 -26.11 52.75
N PHE D 121 -32.75 -27.04 52.17
CA PHE D 121 -33.20 -28.44 52.09
C PHE D 121 -32.06 -29.35 52.53
N ILE D 122 -32.39 -30.41 53.27
CA ILE D 122 -31.34 -31.38 53.74
C ILE D 122 -31.63 -32.73 53.09
N PHE D 123 -30.58 -33.39 52.61
CA PHE D 123 -30.74 -34.71 51.97
C PHE D 123 -29.95 -35.75 52.76
N PRO D 124 -30.61 -36.82 53.26
CA PRO D 124 -29.89 -37.91 53.91
C PRO D 124 -29.19 -38.74 52.84
N PRO D 125 -28.16 -39.55 53.20
CA PRO D 125 -27.49 -40.41 52.24
C PRO D 125 -28.43 -41.51 51.73
N SER D 126 -28.34 -41.87 50.46
CA SER D 126 -29.14 -42.94 49.82
C SER D 126 -28.69 -44.30 50.37
N ASP D 127 -29.59 -45.28 50.38
CA ASP D 127 -29.23 -46.66 50.79
C ASP D 127 -28.16 -47.15 49.81
N GLU D 128 -28.28 -46.80 48.53
CA GLU D 128 -27.29 -47.22 47.52
C GLU D 128 -25.88 -46.87 47.99
N GLN D 129 -25.63 -45.61 48.35
CA GLN D 129 -24.26 -45.17 48.73
C GLN D 129 -23.84 -45.83 50.04
N LEU D 130 -24.79 -46.07 50.94
CA LEU D 130 -24.39 -46.59 52.27
C LEU D 130 -23.72 -47.96 52.09
N LYS D 131 -24.29 -48.81 51.23
CA LYS D 131 -23.68 -50.13 50.98
C LYS D 131 -22.22 -49.92 50.60
N SER D 132 -21.94 -48.86 49.84
CA SER D 132 -20.55 -48.59 49.38
C SER D 132 -19.65 -48.30 50.59
N GLY D 133 -20.23 -47.90 51.72
CA GLY D 133 -19.42 -47.71 52.93
C GLY D 133 -19.09 -46.27 53.22
N THR D 134 -19.43 -45.35 52.31
CA THR D 134 -19.22 -43.90 52.62
C THR D 134 -20.57 -43.22 52.77
N ALA D 135 -20.62 -42.14 53.54
CA ALA D 135 -21.93 -41.49 53.79
C ALA D 135 -21.83 -40.00 53.46
N SER D 136 -22.79 -39.49 52.68
CA SER D 136 -22.72 -38.06 52.27
C SER D 136 -24.04 -37.36 52.59
N VAL D 137 -23.98 -36.32 53.42
CA VAL D 137 -25.19 -35.53 53.74
C VAL D 137 -25.07 -34.19 53.03
N VAL D 138 -26.01 -33.89 52.14
CA VAL D 138 -25.93 -32.65 51.32
C VAL D 138 -26.97 -31.65 51.80
N CYS D 139 -26.56 -30.39 51.96
CA CYS D 139 -27.52 -29.32 52.33
C CYS D 139 -27.59 -28.33 51.17
N LEU D 140 -28.80 -28.02 50.70
CA LEU D 140 -28.95 -27.08 49.56
C LEU D 140 -29.49 -25.73 50.04
N LEU D 141 -28.90 -24.65 49.54
CA LEU D 141 -29.42 -23.29 49.81
C LEU D 141 -29.79 -22.76 48.43
N ASN D 142 -31.08 -22.71 48.08
CA ASN D 142 -31.47 -22.35 46.69
C ASN D 142 -31.92 -20.89 46.54
N ASN D 143 -31.49 -20.24 45.45
CA ASN D 143 -31.95 -18.87 45.11
C ASN D 143 -31.84 -17.90 46.29
N PHE D 144 -30.64 -17.39 46.55
CA PHE D 144 -30.45 -16.42 47.66
C PHE D 144 -29.57 -15.25 47.23
N TYR D 145 -29.75 -14.11 47.89
CA TYR D 145 -28.92 -12.91 47.61
C TYR D 145 -28.87 -12.09 48.89
N PRO D 146 -27.71 -11.61 49.35
CA PRO D 146 -26.48 -11.67 48.56
C PRO D 146 -25.80 -13.04 48.61
N ARG D 147 -24.69 -13.20 47.89
CA ARG D 147 -23.97 -14.50 47.81
C ARG D 147 -23.49 -14.94 49.19
N GLU D 148 -22.86 -14.05 49.96
CA GLU D 148 -22.28 -14.48 51.25
C GLU D 148 -23.33 -15.24 52.05
N ALA D 149 -23.01 -16.46 52.48
CA ALA D 149 -23.92 -17.27 53.32
C ALA D 149 -23.08 -18.28 54.12
N LYS D 150 -23.56 -18.69 55.30
CA LYS D 150 -22.76 -19.59 56.17
C LYS D 150 -23.56 -20.84 56.50
N VAL D 151 -23.00 -22.02 56.22
CA VAL D 151 -23.69 -23.30 56.57
C VAL D 151 -22.89 -23.96 57.69
N GLN D 152 -23.54 -24.29 58.79
CA GLN D 152 -22.84 -25.01 59.88
C GLN D 152 -23.48 -26.38 60.08
N TRP D 153 -22.67 -27.44 60.00
CA TRP D 153 -23.20 -28.82 60.17
C TRP D 153 -23.14 -29.20 61.64
N LYS D 154 -24.14 -29.93 62.12
CA LYS D 154 -24.18 -30.30 63.56
C LYS D 154 -24.73 -31.72 63.71
N VAL D 155 -23.84 -32.71 63.85
CA VAL D 155 -24.33 -34.09 64.11
C VAL D 155 -24.63 -34.18 65.62
N ASP D 156 -25.73 -34.82 65.98
CA ASP D 156 -26.03 -34.98 67.43
C ASP D 156 -25.66 -33.67 68.14
N ASN D 157 -26.18 -32.54 67.65
CA ASN D 157 -25.96 -31.23 68.32
C ASN D 157 -24.47 -30.91 68.40
N ALA D 158 -23.64 -31.70 67.72
CA ALA D 158 -22.19 -31.49 67.75
C ALA D 158 -21.74 -30.81 66.46
N LEU D 159 -20.97 -29.73 66.58
CA LEU D 159 -20.52 -28.99 65.37
C LEU D 159 -19.51 -29.85 64.62
N GLN D 160 -19.15 -29.45 63.39
CA GLN D 160 -18.24 -30.28 62.56
C GLN D 160 -17.16 -29.40 61.94
N SER D 161 -16.06 -30.01 61.48
CA SER D 161 -14.99 -29.23 60.80
C SER D 161 -14.16 -30.10 59.87
N GLY D 162 -13.62 -29.51 58.80
CA GLY D 162 -12.73 -30.23 57.88
C GLY D 162 -13.38 -31.36 57.12
N ASN D 163 -14.60 -31.74 57.51
CA ASN D 163 -15.20 -32.94 56.86
C ASN D 163 -16.20 -32.55 55.75
N SER D 164 -16.59 -31.27 55.69
CA SER D 164 -17.59 -30.74 54.72
C SER D 164 -16.89 -29.84 53.68
N GLN D 165 -17.39 -29.84 52.45
CA GLN D 165 -16.99 -28.90 51.37
C GLN D 165 -18.26 -28.21 50.83
N GLU D 166 -18.13 -27.04 50.22
CA GLU D 166 -19.29 -26.33 49.65
C GLU D 166 -18.89 -25.72 48.31
N SER D 167 -19.86 -25.65 47.39
CA SER D 167 -19.67 -25.05 46.06
C SER D 167 -20.80 -24.06 45.85
N VAL D 168 -20.61 -23.02 45.05
CA VAL D 168 -21.64 -21.95 44.86
C VAL D 168 -21.88 -21.78 43.37
N THR D 169 -23.13 -21.56 42.97
CA THR D 169 -23.42 -21.44 41.52
C THR D 169 -23.05 -20.03 41.09
N GLU D 170 -23.09 -19.76 39.79
CA GLU D 170 -22.86 -18.38 39.30
C GLU D 170 -24.22 -17.68 39.30
N GLN D 171 -24.22 -16.35 39.38
CA GLN D 171 -25.51 -15.61 39.49
C GLN D 171 -26.45 -16.03 38.36
N ASP D 172 -27.69 -16.35 38.71
CA ASP D 172 -28.65 -16.81 37.69
C ASP D 172 -28.89 -15.66 36.72
N SER D 173 -29.02 -15.97 35.44
CA SER D 173 -29.22 -14.93 34.40
C SER D 173 -30.62 -14.37 34.53
N LYS D 174 -31.51 -15.10 35.20
CA LYS D 174 -32.92 -14.67 35.30
C LYS D 174 -33.23 -13.98 36.63
N ASP D 175 -32.96 -14.63 37.77
CA ASP D 175 -33.36 -14.06 39.09
C ASP D 175 -32.16 -13.43 39.79
N SER D 176 -31.02 -13.37 39.14
CA SER D 176 -29.83 -12.74 39.74
C SER D 176 -29.60 -13.31 41.13
N THR D 177 -29.85 -14.62 41.30
CA THR D 177 -29.67 -15.27 42.62
C THR D 177 -28.55 -16.32 42.59
N TYR D 178 -27.92 -16.55 43.73
CA TYR D 178 -26.89 -17.59 43.90
C TYR D 178 -27.54 -18.85 44.47
N SER D 179 -26.87 -19.99 44.34
CA SER D 179 -27.28 -21.26 45.00
C SER D 179 -26.02 -21.94 45.54
N LEU D 180 -26.15 -22.67 46.65
CA LEU D 180 -24.99 -23.25 47.35
C LEU D 180 -25.32 -24.68 47.77
N SER D 181 -24.35 -25.60 47.66
CA SER D 181 -24.48 -26.99 48.13
C SER D 181 -23.30 -27.32 49.04
N SER D 182 -23.59 -27.70 50.28
CA SER D 182 -22.61 -28.15 51.31
C SER D 182 -22.74 -29.67 51.46
N THR D 183 -21.62 -30.37 51.43
CA THR D 183 -21.58 -31.85 51.53
C THR D 183 -20.81 -32.24 52.79
N LEU D 184 -21.51 -32.79 53.77
CA LEU D 184 -20.91 -33.45 54.96
C LEU D 184 -20.60 -34.92 54.64
N THR D 185 -19.31 -35.27 54.66
CA THR D 185 -18.89 -36.64 54.28
C THR D 185 -18.40 -37.39 55.51
N LEU D 186 -19.09 -38.46 55.88
CA LEU D 186 -18.73 -39.22 57.10
C LEU D 186 -18.46 -40.68 56.72
N SER D 187 -18.30 -41.55 57.71
CA SER D 187 -18.08 -42.99 57.46
C SER D 187 -19.39 -43.74 57.70
N LYS D 188 -19.68 -44.77 56.92
CA LYS D 188 -20.99 -45.46 57.06
C LYS D 188 -21.24 -45.72 58.54
N ALA D 189 -20.18 -45.99 59.29
CA ALA D 189 -20.33 -46.31 60.72
C ALA D 189 -20.60 -45.02 61.49
N ASP D 190 -19.67 -44.06 61.43
CA ASP D 190 -19.83 -42.82 62.22
C ASP D 190 -21.27 -42.33 62.02
N TYR D 191 -21.83 -42.59 60.84
CA TYR D 191 -23.20 -42.12 60.54
C TYR D 191 -24.20 -42.86 61.43
N GLU D 192 -24.36 -44.17 61.20
CA GLU D 192 -25.39 -44.94 61.98
C GLU D 192 -25.13 -44.87 63.50
N LYS D 193 -24.06 -44.19 63.94
CA LYS D 193 -23.62 -44.06 65.36
C LYS D 193 -24.32 -42.87 66.03
N HIS D 194 -24.98 -42.03 65.23
CA HIS D 194 -25.65 -40.78 65.66
C HIS D 194 -27.07 -40.77 65.09
N LYS D 195 -27.98 -40.01 65.71
CA LYS D 195 -29.40 -39.90 65.27
C LYS D 195 -29.61 -38.61 64.48
N VAL D 196 -29.17 -37.48 65.04
CA VAL D 196 -29.60 -36.09 64.66
C VAL D 196 -28.56 -35.45 63.73
N TYR D 197 -28.95 -35.24 62.47
CA TYR D 197 -28.20 -34.50 61.42
C TYR D 197 -28.96 -33.21 61.13
N ALA D 198 -28.28 -32.07 61.30
CA ALA D 198 -28.86 -30.73 61.18
C ALA D 198 -27.92 -29.86 60.35
N CYS D 199 -28.53 -29.05 59.50
CA CYS D 199 -27.86 -28.07 58.63
C CYS D 199 -28.39 -26.70 59.03
N GLU D 200 -27.52 -25.83 59.54
CA GLU D 200 -27.96 -24.51 60.05
C GLU D 200 -27.45 -23.43 59.10
N VAL D 201 -28.34 -22.51 58.70
CA VAL D 201 -27.94 -21.51 57.68
C VAL D 201 -28.04 -20.11 58.26
N THR D 202 -27.03 -19.29 58.00
CA THR D 202 -27.07 -17.87 58.45
C THR D 202 -27.01 -17.01 57.19
N HIS D 203 -28.04 -16.20 56.94
CA HIS D 203 -28.03 -15.29 55.77
C HIS D 203 -28.64 -13.94 56.14
N GLN D 204 -28.24 -12.88 55.44
CA GLN D 204 -28.73 -11.51 55.74
C GLN D 204 -30.25 -11.48 55.72
N GLY D 205 -30.89 -12.37 54.97
CA GLY D 205 -32.36 -12.32 54.83
C GLY D 205 -33.07 -13.15 55.86
N LEU D 206 -32.34 -13.67 56.84
CA LEU D 206 -32.95 -14.55 57.86
C LEU D 206 -33.04 -13.82 59.20
N SER D 207 -34.26 -13.56 59.66
CA SER D 207 -34.43 -12.94 60.98
C SER D 207 -33.47 -13.64 61.93
N SER D 208 -33.41 -14.96 61.81
CA SER D 208 -32.50 -15.77 62.68
C SER D 208 -32.04 -17.00 61.89
N PRO D 209 -30.89 -17.60 62.23
CA PRO D 209 -30.43 -18.80 61.54
C PRO D 209 -31.53 -19.86 61.44
N VAL D 210 -31.66 -20.48 60.27
CA VAL D 210 -32.68 -21.55 60.06
C VAL D 210 -31.94 -22.88 59.99
N THR D 211 -32.54 -23.94 60.52
CA THR D 211 -31.83 -25.25 60.55
C THR D 211 -32.77 -26.34 60.04
N LYS D 212 -32.29 -27.17 59.12
CA LYS D 212 -33.10 -28.30 58.61
C LYS D 212 -32.43 -29.59 59.10
N SER D 213 -33.20 -30.64 59.37
CA SER D 213 -32.54 -31.82 59.95
C SER D 213 -33.38 -33.09 59.74
N PHE D 214 -32.77 -34.23 60.00
CA PHE D 214 -33.50 -35.52 59.88
C PHE D 214 -32.95 -36.47 60.93
N ASN D 215 -33.64 -37.58 61.17
CA ASN D 215 -33.10 -38.61 62.10
C ASN D 215 -32.94 -39.90 61.31
N ARG D 216 -32.49 -40.98 61.94
CA ARG D 216 -32.33 -42.30 61.26
C ARG D 216 -31.08 -42.26 60.39
N ARG E 39 -3.39 10.94 -1.90
CA ARG E 39 -2.22 10.69 -1.03
C ARG E 39 -2.34 9.31 -0.40
N THR E 40 -3.36 8.56 -0.79
CA THR E 40 -3.56 7.19 -0.22
C THR E 40 -3.33 6.15 -1.32
N VAL E 41 -2.92 4.95 -0.93
CA VAL E 41 -2.66 3.85 -1.90
C VAL E 41 -3.06 2.56 -1.20
N MET E 42 -3.43 1.55 -1.97
CA MET E 42 -3.86 0.27 -1.37
C MET E 42 -2.64 -0.63 -1.27
N VAL E 43 -2.43 -1.28 -0.13
CA VAL E 43 -1.19 -2.09 0.07
C VAL E 43 -1.55 -3.42 0.71
N ASN E 44 -1.08 -4.52 0.13
CA ASN E 44 -1.26 -5.84 0.78
C ASN E 44 -0.19 -5.93 1.86
N LEU E 45 -0.61 -6.06 3.12
CA LEU E 45 0.35 -6.04 4.24
C LEU E 45 0.90 -7.43 4.50
N ASN E 46 0.69 -8.37 3.57
CA ASN E 46 1.33 -9.70 3.73
C ASN E 46 2.75 -9.55 3.21
N ILE E 47 3.73 -9.46 4.11
CA ILE E 47 5.13 -9.18 3.69
C ILE E 47 5.66 -10.32 2.84
N HIS E 48 6.47 -9.99 1.82
CA HIS E 48 7.11 -11.04 1.01
C HIS E 48 8.63 -10.90 1.20
N ASN E 49 9.30 -11.97 1.61
CA ASN E 49 10.77 -11.94 1.82
C ASN E 49 11.47 -12.17 0.47
N SER E 59 22.95 -15.01 12.99
CA SER E 59 23.42 -13.60 12.91
C SER E 59 24.95 -13.55 12.75
N SER E 60 25.53 -12.35 12.88
CA SER E 60 26.99 -12.04 12.74
C SER E 60 27.42 -11.10 13.87
N ASP E 61 28.70 -11.21 14.30
CA ASP E 61 29.30 -10.47 15.44
C ASP E 61 30.24 -9.37 14.92
N TYR E 62 29.96 -8.85 13.72
CA TYR E 62 30.76 -7.79 13.05
C TYR E 62 30.92 -6.62 14.03
N TYR E 63 29.84 -6.26 14.71
CA TYR E 63 29.77 -5.15 15.69
C TYR E 63 30.93 -5.28 16.68
N ASN E 64 31.41 -6.50 16.93
CA ASN E 64 32.50 -6.70 17.92
C ASN E 64 33.85 -6.84 17.22
N ARG E 65 33.90 -7.41 16.03
CA ARG E 65 35.19 -7.71 15.37
C ARG E 65 35.65 -6.56 14.46
N SER E 66 35.05 -5.39 14.54
CA SER E 66 35.40 -4.32 13.57
C SER E 66 36.42 -3.34 14.11
N THR E 67 37.25 -2.77 13.23
CA THR E 67 38.20 -1.71 13.65
C THR E 67 37.36 -0.53 14.13
N SER E 68 36.09 -0.50 13.69
CA SER E 68 35.15 0.55 14.13
C SER E 68 33.99 -0.16 14.81
N PRO E 69 34.18 -0.72 16.01
CA PRO E 69 33.15 -1.54 16.64
C PRO E 69 31.96 -0.69 17.10
N TRP E 70 30.88 -1.34 17.48
CA TRP E 70 29.67 -0.57 17.81
C TRP E 70 28.70 -1.38 18.66
N ASN E 71 27.81 -0.70 19.38
CA ASN E 71 26.75 -1.34 20.20
C ASN E 71 25.38 -1.02 19.62
N LEU E 72 24.41 -1.88 19.88
CA LEU E 72 23.02 -1.74 19.39
C LEU E 72 22.15 -1.17 20.52
N HIS E 73 21.63 0.05 20.34
CA HIS E 73 20.63 0.68 21.24
C HIS E 73 19.23 0.37 20.68
N ARG E 74 18.38 -0.21 21.53
CA ARG E 74 16.94 -0.52 21.25
C ARG E 74 16.17 0.78 21.00
N ASN E 75 15.49 0.89 19.85
CA ASN E 75 14.47 1.93 19.57
C ASN E 75 13.12 1.25 19.38
N GLU E 76 12.25 1.31 20.41
CA GLU E 76 10.89 0.70 20.41
C GLU E 76 9.81 1.80 20.32
N ASP E 77 8.94 1.70 19.34
CA ASP E 77 7.75 2.58 19.15
C ASP E 77 6.58 1.63 18.87
N PRO E 78 5.73 1.35 19.88
CA PRO E 78 4.63 0.41 19.71
C PRO E 78 3.66 0.80 18.59
N GLU E 79 3.90 1.93 17.95
CA GLU E 79 2.97 2.42 16.90
C GLU E 79 3.65 2.32 15.55
N ARG E 80 4.77 1.60 15.47
CA ARG E 80 5.54 1.58 14.21
C ARG E 80 5.86 0.16 13.75
N TYR E 81 5.95 -0.05 12.44
CA TYR E 81 6.39 -1.35 11.89
C TYR E 81 7.62 -1.05 11.03
N PRO E 82 8.85 -1.22 11.53
CA PRO E 82 9.13 -2.16 12.62
C PRO E 82 8.99 -1.58 14.03
N SER E 83 8.46 -2.36 14.97
CA SER E 83 8.26 -1.90 16.37
C SER E 83 9.63 -1.67 17.03
N VAL E 84 10.56 -2.58 16.79
CA VAL E 84 11.91 -2.46 17.41
C VAL E 84 12.96 -2.26 16.32
N ILE E 85 13.71 -1.18 16.39
CA ILE E 85 14.82 -0.94 15.43
C ILE E 85 16.11 -0.84 16.24
N TRP E 86 17.04 -1.76 16.01
CA TRP E 86 18.30 -1.79 16.78
C TRP E 86 19.31 -0.84 16.11
N GLU E 87 19.38 0.39 16.60
CA GLU E 87 20.33 1.38 16.03
C GLU E 87 21.74 1.09 16.54
N ALA E 88 22.75 1.70 15.92
CA ALA E 88 24.15 1.39 16.29
C ALA E 88 24.89 2.66 16.68
N LYS E 89 25.78 2.55 17.68
CA LYS E 89 26.57 3.72 18.11
C LYS E 89 28.05 3.36 18.05
N CYS E 90 28.85 4.18 17.38
CA CYS E 90 30.30 3.92 17.29
C CYS E 90 30.89 3.99 18.70
N ARG E 91 31.46 2.89 19.19
CA ARG E 91 32.00 2.84 20.57
C ARG E 91 33.11 3.88 20.73
N HIS E 92 34.10 3.88 19.84
CA HIS E 92 35.25 4.80 20.01
C HIS E 92 35.18 5.91 18.98
N LEU E 93 35.83 7.04 19.24
CA LEU E 93 35.88 8.15 18.26
C LEU E 93 36.92 7.79 17.20
N GLY E 94 37.87 6.92 17.56
CA GLY E 94 38.92 6.50 16.62
C GLY E 94 38.81 5.00 16.37
N CYS E 95 39.77 4.43 15.62
CA CYS E 95 39.64 3.01 15.25
C CYS E 95 40.71 2.16 15.91
N ILE E 96 40.48 0.85 15.99
CA ILE E 96 41.48 -0.09 16.54
C ILE E 96 42.55 -0.33 15.49
N ASN E 97 43.82 -0.25 15.87
CA ASN E 97 44.95 -0.49 14.93
C ASN E 97 45.26 -2.00 14.88
N ALA E 98 46.41 -2.37 14.28
CA ALA E 98 46.91 -3.75 14.10
C ALA E 98 47.02 -4.47 15.46
N ASP E 99 47.69 -3.85 16.44
CA ASP E 99 48.00 -4.47 17.76
C ASP E 99 46.73 -4.56 18.63
N GLY E 100 45.69 -3.78 18.34
CA GLY E 100 44.44 -3.77 19.14
C GLY E 100 44.34 -2.57 20.06
N ASN E 101 45.09 -1.51 19.74
CA ASN E 101 45.01 -0.23 20.50
C ASN E 101 44.23 0.76 19.63
N VAL E 102 44.04 2.00 20.09
CA VAL E 102 43.17 2.95 19.32
C VAL E 102 44.02 4.03 18.63
N ASP E 103 43.70 4.32 17.37
CA ASP E 103 44.41 5.39 16.62
C ASP E 103 43.46 6.58 16.51
N TYR E 104 43.83 7.72 17.07
CA TYR E 104 42.92 8.89 17.08
C TYR E 104 43.04 9.65 15.76
N HIS E 105 43.77 9.07 14.81
CA HIS E 105 43.84 9.71 13.47
C HIS E 105 42.83 9.02 12.55
N MET E 106 42.64 7.71 12.70
CA MET E 106 41.59 7.01 11.94
C MET E 106 40.30 7.18 12.75
N ASN E 107 39.13 7.22 12.11
CA ASN E 107 37.91 7.56 12.89
C ASN E 107 36.68 6.67 12.67
N SER E 108 36.07 6.19 13.76
CA SER E 108 34.82 5.41 13.62
C SER E 108 33.69 6.37 13.23
N VAL E 109 32.96 6.06 12.15
CA VAL E 109 31.81 6.90 11.70
C VAL E 109 30.65 5.95 11.44
N PRO E 110 29.39 6.40 11.57
CA PRO E 110 28.22 5.53 11.42
C PRO E 110 27.71 5.45 9.99
N ILE E 111 27.32 4.25 9.56
CA ILE E 111 26.74 4.07 8.21
C ILE E 111 25.24 4.25 8.34
N GLN E 112 24.70 5.32 7.76
CA GLN E 112 23.26 5.61 7.95
C GLN E 112 22.50 5.34 6.65
N GLN E 113 21.25 4.91 6.77
CA GLN E 113 20.40 4.70 5.57
C GLN E 113 18.96 5.10 5.88
N GLU E 114 18.30 5.72 4.91
CA GLU E 114 16.87 6.05 5.08
C GLU E 114 16.07 4.77 4.87
N ILE E 115 15.14 4.49 5.77
CA ILE E 115 14.31 3.25 5.66
C ILE E 115 12.84 3.66 5.70
N LEU E 116 11.97 2.86 5.11
CA LEU E 116 10.53 3.18 5.08
C LEU E 116 9.86 2.49 6.26
N VAL E 117 8.92 3.18 6.92
CA VAL E 117 8.28 2.58 8.12
C VAL E 117 6.79 2.86 8.04
N LEU E 118 5.98 2.06 8.72
CA LEU E 118 4.53 2.32 8.77
C LEU E 118 4.16 2.77 10.19
N ARG E 119 3.34 3.80 10.30
CA ARG E 119 2.89 4.32 11.61
C ARG E 119 1.38 4.22 11.67
N ARG E 120 0.84 3.66 12.76
CA ARG E 120 -0.62 3.50 12.90
C ARG E 120 -1.27 4.88 12.86
N GLU E 121 -2.22 5.06 11.95
CA GLU E 121 -2.93 6.36 11.83
C GLU E 121 -3.87 6.48 13.04
N PRO E 122 -3.87 7.62 13.75
CA PRO E 122 -4.69 7.76 14.94
C PRO E 122 -6.15 7.41 14.64
N PRO E 123 -6.96 7.02 15.65
CA PRO E 123 -8.34 6.63 15.41
C PRO E 123 -9.10 7.80 14.77
N HIS E 124 -8.85 9.01 15.25
CA HIS E 124 -9.48 10.22 14.65
C HIS E 124 -8.48 11.37 14.65
N SER E 128 -5.69 3.93 8.52
CA SER E 128 -5.11 2.76 9.23
C SER E 128 -3.62 3.01 9.49
N PHE E 129 -2.83 3.21 8.43
CA PHE E 129 -1.36 3.38 8.59
C PHE E 129 -0.84 4.46 7.65
N ARG E 130 0.35 5.00 7.95
CA ARG E 130 0.98 6.00 7.06
C ARG E 130 2.41 5.56 6.76
N LEU E 131 2.85 5.72 5.51
CA LEU E 131 4.23 5.35 5.13
C LEU E 131 5.14 6.56 5.37
N GLU E 132 6.24 6.36 6.09
CA GLU E 132 7.17 7.45 6.41
C GLU E 132 8.61 6.98 6.26
N LYS E 133 9.55 7.92 6.22
CA LYS E 133 10.98 7.58 6.04
C LYS E 133 11.77 8.04 7.27
N ILE E 134 12.62 7.16 7.81
CA ILE E 134 13.45 7.52 9.00
C ILE E 134 14.91 7.21 8.68
N LEU E 135 15.82 8.07 9.12
CA LEU E 135 17.26 7.78 8.95
C LEU E 135 17.71 6.94 10.14
N VAL E 136 18.46 5.87 9.88
CA VAL E 136 18.89 4.95 10.96
C VAL E 136 20.37 4.62 10.77
N SER E 137 21.06 4.28 11.85
CA SER E 137 22.47 3.85 11.75
C SER E 137 22.51 2.33 11.78
N VAL E 138 23.17 1.72 10.80
CA VAL E 138 23.15 0.23 10.69
C VAL E 138 24.47 -0.33 11.20
N GLY E 139 25.51 0.51 11.25
CA GLY E 139 26.83 0.09 11.75
C GLY E 139 27.86 1.18 11.54
N CYS E 140 29.09 1.02 12.02
CA CYS E 140 30.19 2.01 11.83
C CYS E 140 31.29 1.41 10.93
N THR E 141 31.96 2.27 10.15
CA THR E 141 33.17 1.95 9.35
C THR E 141 34.32 2.81 9.87
N CYS E 142 35.56 2.56 9.44
CA CYS E 142 36.75 3.38 9.78
C CYS E 142 37.20 4.20 8.56
N VAL E 143 37.41 5.50 8.73
CA VAL E 143 37.75 6.48 7.65
C VAL E 143 38.98 7.29 8.05
N THR E 144 39.58 8.05 7.11
CA THR E 144 40.74 8.95 7.34
C THR E 144 40.48 10.27 6.61
N PRO E 145 40.88 11.45 7.14
CA PRO E 145 40.27 12.72 6.74
C PRO E 145 40.54 13.14 5.29
N ARG F 39 -6.19 -8.69 3.03
CA ARG F 39 -4.92 -8.16 3.60
C ARG F 39 -4.62 -6.82 2.95
N THR F 40 -5.56 -6.27 2.19
CA THR F 40 -5.27 -5.01 1.46
C THR F 40 -5.73 -3.81 2.31
N VAL F 41 -4.77 -3.16 2.97
CA VAL F 41 -5.08 -1.98 3.82
C VAL F 41 -4.83 -0.73 3.00
N MET F 42 -5.34 0.41 3.47
CA MET F 42 -5.06 1.69 2.78
C MET F 42 -3.89 2.34 3.50
N VAL F 43 -2.90 2.82 2.76
CA VAL F 43 -1.78 3.54 3.42
C VAL F 43 -1.73 4.97 2.90
N ASN F 44 -1.63 5.94 3.79
CA ASN F 44 -1.46 7.36 3.36
C ASN F 44 0.03 7.58 3.09
N LEU F 45 0.36 8.34 2.06
CA LEU F 45 1.79 8.51 1.68
C LEU F 45 2.36 9.83 2.21
N ASN F 46 3.31 9.77 3.14
CA ASN F 46 3.98 10.97 3.68
C ASN F 46 5.48 10.77 3.48
N ILE F 47 5.89 10.28 2.32
CA ILE F 47 7.33 9.95 2.09
C ILE F 47 8.02 11.07 1.32
N HIS F 48 7.37 12.24 1.22
CA HIS F 48 7.96 13.39 0.48
C HIS F 48 8.94 14.15 1.39
N ASN F 49 10.05 14.63 0.83
CA ASN F 49 11.07 15.35 1.63
C ASN F 49 11.03 16.79 1.11
N SER F 59 27.81 14.00 -0.86
CA SER F 59 27.29 13.98 0.53
C SER F 59 28.33 13.34 1.46
N SER F 60 28.41 12.01 1.45
CA SER F 60 29.41 11.32 2.28
C SER F 60 30.41 10.60 1.37
N ASP F 61 31.71 10.79 1.65
CA ASP F 61 32.78 10.13 0.86
C ASP F 61 33.28 8.93 1.65
N TYR F 62 32.55 8.57 2.70
CA TYR F 62 33.01 7.45 3.56
C TYR F 62 33.37 6.29 2.65
N TYR F 63 32.64 6.14 1.55
CA TYR F 63 32.87 5.00 0.63
C TYR F 63 34.28 5.05 0.07
N ASN F 64 34.85 6.25 -0.06
CA ASN F 64 36.18 6.38 -0.69
C ASN F 64 37.25 6.64 0.37
N ARG F 65 36.85 6.82 1.63
CA ARG F 65 37.84 7.17 2.69
C ARG F 65 37.84 6.10 3.77
N SER F 66 37.19 4.96 3.53
CA SER F 66 37.10 3.92 4.58
C SER F 66 38.24 2.93 4.46
N THR F 67 38.66 2.37 5.58
CA THR F 67 39.68 1.30 5.56
C THR F 67 39.06 0.16 4.76
N SER F 68 37.74 0.09 4.78
CA SER F 68 37.00 -0.95 4.01
C SER F 68 36.20 -0.21 2.95
N PRO F 69 36.82 0.37 1.89
CA PRO F 69 36.08 1.20 0.96
C PRO F 69 35.25 0.33 0.01
N TRP F 70 34.24 0.97 -0.61
CA TRP F 70 33.31 0.23 -1.48
C TRP F 70 32.90 1.09 -2.66
N ASN F 71 32.22 0.46 -3.62
CA ASN F 71 31.70 1.20 -4.79
C ASN F 71 30.18 1.01 -4.75
N LEU F 72 29.43 1.97 -5.28
CA LEU F 72 27.95 1.89 -5.20
C LEU F 72 27.39 1.31 -6.49
N HIS F 73 26.63 0.21 -6.38
CA HIS F 73 26.00 -0.43 -7.56
C HIS F 73 24.53 -0.04 -7.59
N ARG F 74 23.97 0.16 -8.77
CA ARG F 74 22.57 0.62 -8.90
C ARG F 74 21.61 -0.57 -8.90
N ASN F 75 20.75 -0.66 -7.89
CA ASN F 75 19.69 -1.69 -7.89
C ASN F 75 18.42 -0.99 -8.35
N GLU F 76 18.10 -1.06 -9.64
CA GLU F 76 16.88 -0.40 -10.17
C GLU F 76 15.81 -1.42 -10.54
N ASP F 77 14.63 -1.34 -9.92
CA ASP F 77 13.49 -2.20 -10.31
C ASP F 77 12.33 -1.26 -10.59
N PRO F 78 12.02 -0.97 -11.88
CA PRO F 78 10.98 0.00 -12.19
C PRO F 78 9.63 -0.34 -11.54
N GLU F 79 9.54 -1.48 -10.87
CA GLU F 79 8.25 -1.92 -10.28
C GLU F 79 8.29 -1.75 -8.76
N ARG F 80 9.33 -1.12 -8.23
CA ARG F 80 9.48 -1.05 -6.75
C ARG F 80 9.61 0.38 -6.25
N TYR F 81 9.16 0.63 -5.03
CA TYR F 81 9.41 1.93 -4.37
C TYR F 81 10.12 1.60 -3.07
N PRO F 82 11.42 1.94 -2.91
CA PRO F 82 12.11 2.86 -3.82
C PRO F 82 12.57 2.24 -5.14
N SER F 83 12.58 3.00 -6.23
CA SER F 83 12.95 2.48 -7.58
C SER F 83 14.45 2.19 -7.67
N VAL F 84 15.28 3.11 -7.18
CA VAL F 84 16.76 2.93 -7.25
C VAL F 84 17.32 2.82 -5.84
N ILE F 85 17.93 1.68 -5.51
CA ILE F 85 18.61 1.50 -4.20
C ILE F 85 20.09 1.34 -4.48
N TRP F 86 20.91 2.25 -3.97
CA TRP F 86 22.37 2.20 -4.22
C TRP F 86 23.01 1.25 -3.22
N GLU F 87 23.46 0.09 -3.68
CA GLU F 87 24.03 -0.94 -2.77
C GLU F 87 25.56 -0.84 -2.76
N ALA F 88 26.19 -1.19 -1.63
CA ALA F 88 27.66 -1.10 -1.48
C ALA F 88 28.31 -2.41 -1.88
N LYS F 89 29.29 -2.35 -2.76
CA LYS F 89 30.06 -3.56 -3.12
C LYS F 89 31.48 -3.33 -2.59
N CYS F 90 31.93 -4.19 -1.68
CA CYS F 90 33.26 -3.96 -1.05
C CYS F 90 34.30 -4.01 -2.16
N ARG F 91 35.16 -2.99 -2.25
CA ARG F 91 36.18 -2.90 -3.31
C ARG F 91 37.23 -4.00 -3.14
N HIS F 92 37.59 -4.30 -1.90
CA HIS F 92 38.66 -5.29 -1.65
C HIS F 92 38.16 -6.39 -0.73
N LEU F 93 38.80 -7.56 -0.76
CA LEU F 93 38.43 -8.67 0.15
C LEU F 93 39.10 -8.38 1.48
N GLY F 94 40.13 -7.54 1.45
CA GLY F 94 40.82 -7.14 2.69
C GLY F 94 40.58 -5.68 2.98
N CYS F 95 41.45 -5.05 3.76
CA CYS F 95 41.26 -3.62 4.17
C CYS F 95 42.57 -2.85 3.94
N ILE F 96 42.47 -1.54 3.71
CA ILE F 96 43.65 -0.68 3.43
C ILE F 96 44.44 -0.49 4.73
N ASN F 97 45.76 -0.63 4.67
CA ASN F 97 46.62 -0.45 5.86
C ASN F 97 47.13 0.99 5.88
N ALA F 98 47.81 1.37 6.96
CA ALA F 98 48.32 2.76 7.08
C ALA F 98 49.15 3.07 5.85
N ASP F 99 50.03 2.14 5.48
CA ASP F 99 50.92 2.37 4.33
C ASP F 99 50.05 2.62 3.10
N GLY F 100 48.77 2.25 3.18
CA GLY F 100 47.85 2.51 2.07
C GLY F 100 47.76 1.32 1.14
N ASN F 101 47.97 0.12 1.68
CA ASN F 101 47.94 -1.10 0.86
C ASN F 101 46.90 -2.06 1.45
N VAL F 102 46.51 -3.09 0.70
CA VAL F 102 45.42 -3.97 1.19
C VAL F 102 45.95 -5.09 2.07
N ASP F 103 45.78 -4.96 3.38
CA ASP F 103 46.13 -6.04 4.35
C ASP F 103 45.01 -7.11 4.30
N TYR F 104 45.33 -8.31 3.82
CA TYR F 104 44.36 -9.39 3.47
C TYR F 104 44.18 -10.35 4.65
N HIS F 105 44.87 -10.12 5.78
CA HIS F 105 44.64 -10.83 7.07
C HIS F 105 43.50 -10.12 7.86
N MET F 106 43.12 -8.92 7.43
CA MET F 106 41.82 -8.29 7.78
C MET F 106 40.85 -8.45 6.59
N ASN F 107 39.53 -8.33 6.80
CA ASN F 107 38.49 -8.50 5.74
C ASN F 107 37.54 -7.28 5.65
N SER F 108 37.39 -6.68 4.46
CA SER F 108 36.20 -5.88 4.08
C SER F 108 34.97 -6.80 4.12
N VAL F 109 33.95 -6.47 4.92
CA VAL F 109 32.63 -7.16 4.84
C VAL F 109 31.54 -6.12 4.75
N PRO F 110 30.39 -6.47 4.12
CA PRO F 110 29.31 -5.52 3.93
C PRO F 110 28.26 -5.56 5.04
N ILE F 111 27.88 -4.38 5.54
CA ILE F 111 26.81 -4.30 6.57
C ILE F 111 25.48 -4.35 5.83
N GLN F 112 24.70 -5.39 6.05
CA GLN F 112 23.44 -5.57 5.29
C GLN F 112 22.25 -5.38 6.22
N GLN F 113 21.26 -4.58 5.80
CA GLN F 113 20.04 -4.39 6.62
C GLN F 113 18.83 -4.84 5.80
N GLU F 114 17.88 -5.51 6.46
CA GLU F 114 16.63 -5.92 5.78
C GLU F 114 15.73 -4.68 5.77
N ILE F 115 15.23 -4.29 4.59
CA ILE F 115 14.44 -3.04 4.48
C ILE F 115 13.08 -3.35 3.88
N LEU F 116 12.14 -2.42 4.02
CA LEU F 116 10.78 -2.60 3.50
C LEU F 116 10.63 -1.82 2.20
N VAL F 117 9.91 -2.39 1.25
CA VAL F 117 9.73 -1.74 -0.07
C VAL F 117 8.30 -2.00 -0.56
N LEU F 118 7.81 -1.19 -1.48
CA LEU F 118 6.48 -1.42 -2.08
C LEU F 118 6.69 -1.88 -3.52
N ARG F 119 5.93 -2.88 -3.96
CA ARG F 119 6.03 -3.37 -5.36
C ARG F 119 4.64 -3.32 -6.00
N ARG F 120 4.54 -2.77 -7.20
CA ARG F 120 3.23 -2.69 -7.89
C ARG F 120 2.67 -4.09 -8.02
N GLU F 121 1.50 -4.31 -7.44
CA GLU F 121 0.86 -5.64 -7.44
C GLU F 121 -0.61 -5.48 -7.08
N PRO F 122 -1.54 -5.98 -7.90
CA PRO F 122 -1.19 -6.74 -9.11
C PRO F 122 -0.56 -5.82 -10.17
N PRO F 123 0.37 -6.33 -11.00
CA PRO F 123 1.04 -5.47 -11.98
C PRO F 123 0.06 -4.77 -12.93
N HIS F 124 -1.09 -5.39 -13.20
CA HIS F 124 -2.11 -4.80 -14.10
C HIS F 124 -2.71 -3.54 -13.43
N CYS F 125 -2.89 -3.51 -12.10
CA CYS F 125 -3.60 -2.43 -11.35
C CYS F 125 -2.65 -1.35 -10.83
N PRO F 126 -2.82 -0.05 -11.22
CA PRO F 126 -2.15 1.06 -10.53
C PRO F 126 -2.88 1.61 -9.28
N ASN F 127 -2.11 2.25 -8.39
CA ASN F 127 -2.66 2.70 -7.07
C ASN F 127 -2.80 1.48 -6.17
N SER F 128 -2.19 0.35 -6.56
CA SER F 128 -2.23 -0.90 -5.74
C SER F 128 -0.80 -1.44 -5.61
N PHE F 129 -0.43 -1.88 -4.41
CA PHE F 129 0.96 -2.34 -4.18
C PHE F 129 1.02 -3.41 -3.10
N ARG F 130 2.11 -4.16 -3.03
CA ARG F 130 2.30 -5.14 -1.93
C ARG F 130 3.56 -4.76 -1.16
N LEU F 131 3.60 -5.05 0.14
CA LEU F 131 4.78 -4.72 0.97
C LEU F 131 5.72 -5.91 0.96
N GLU F 132 7.01 -5.66 0.80
CA GLU F 132 7.98 -6.76 0.71
C GLU F 132 9.24 -6.41 1.48
N LYS F 133 10.01 -7.43 1.87
CA LYS F 133 11.28 -7.21 2.59
C LYS F 133 12.42 -7.57 1.66
N ILE F 134 13.42 -6.69 1.55
CA ILE F 134 14.60 -7.02 0.71
C ILE F 134 15.86 -6.79 1.54
N LEU F 135 16.91 -7.58 1.29
CA LEU F 135 18.21 -7.42 2.00
C LEU F 135 19.11 -6.54 1.14
N VAL F 136 19.82 -5.59 1.74
CA VAL F 136 20.62 -4.64 0.93
C VAL F 136 21.91 -4.30 1.66
N SER F 137 23.01 -4.12 0.93
CA SER F 137 24.29 -3.71 1.54
C SER F 137 24.29 -2.19 1.67
N VAL F 138 24.70 -1.67 2.81
CA VAL F 138 24.61 -0.20 3.08
C VAL F 138 26.00 0.39 3.07
N GLY F 139 26.99 -0.43 3.42
CA GLY F 139 28.41 -0.05 3.47
C GLY F 139 29.23 -1.24 3.94
N CYS F 140 30.53 -1.10 3.90
CA CYS F 140 31.48 -2.14 4.39
C CYS F 140 32.22 -1.60 5.61
N THR F 141 32.52 -2.49 6.55
CA THR F 141 33.43 -2.25 7.71
C THR F 141 34.63 -3.19 7.59
N CYS F 142 35.65 -3.00 8.44
CA CYS F 142 36.83 -3.90 8.53
C CYS F 142 36.76 -4.77 9.78
N VAL F 143 36.94 -6.09 9.65
CA VAL F 143 36.84 -7.08 10.77
C VAL F 143 38.11 -7.96 10.82
N THR F 144 38.37 -8.56 11.98
CA THR F 144 39.37 -9.65 12.21
C THR F 144 38.69 -10.99 11.91
N PRO F 145 39.42 -11.98 11.36
CA PRO F 145 38.85 -13.31 11.12
C PRO F 145 38.78 -14.16 12.40
N ILE F 146 38.60 -15.50 12.28
CA ILE F 146 38.15 -16.44 13.36
C ILE F 146 37.06 -15.75 14.19
C1 MLA G . 7.92 12.26 -33.79
O1A MLA G . 7.19 12.35 -32.78
O1B MLA G . 7.68 12.79 -34.91
C2 MLA G . 9.20 11.39 -33.75
C3 MLA G . 9.50 10.72 -32.43
O3A MLA G . 10.53 10.08 -32.39
O3B MLA G . 8.70 10.86 -31.48
C ACY H . -5.28 21.36 -46.89
O ACY H . -5.16 20.72 -47.97
OXT ACY H . -5.58 20.81 -45.78
CH3 ACY H . -4.96 22.90 -46.92
C1 MLA I . -7.25 -10.99 35.85
O1A MLA I . -6.23 -10.72 36.53
O1B MLA I . -7.32 -10.72 34.64
C2 MLA I . -8.50 -11.58 36.56
C3 MLA I . -9.51 -12.47 35.73
O3A MLA I . -9.49 -12.53 34.47
O3B MLA I . -10.38 -13.06 36.40
C ACY J . 8.70 -6.16 14.60
O ACY J . 8.28 -7.21 14.06
OXT ACY J . 8.24 -5.01 14.41
CH3 ACY J . 9.84 -6.24 15.64
C ACY K . 9.50 19.92 -46.62
O ACY K . 9.58 19.60 -47.84
OXT ACY K . 8.50 19.67 -45.87
CH3 ACY K . 10.72 20.69 -46.01
C1 MLA L . 10.67 29.82 -73.61
O1A MLA L . 11.32 30.32 -72.68
O1B MLA L . 11.13 29.65 -74.74
C2 MLA L . 9.23 29.34 -73.39
C3 MLA L . 8.75 29.53 -71.94
O3A MLA L . 9.54 29.21 -71.02
O3B MLA L . 7.56 29.90 -71.77
C1 MLA M . 7.64 28.12 -50.19
O1A MLA M . 6.76 27.82 -51.02
O1B MLA M . 8.77 27.59 -50.14
C2 MLA M . 7.30 29.19 -49.17
C3 MLA M . 5.91 28.82 -48.64
O3A MLA M . 4.96 28.87 -49.44
O3B MLA M . 5.82 28.47 -47.44
C1 MLA N . -7.45 6.52 -30.54
O1A MLA N . -8.64 6.58 -30.84
O1B MLA N . -6.54 6.16 -31.32
C2 MLA N . -7.19 6.78 -29.06
C3 MLA N . -7.30 5.40 -28.41
O3A MLA N . -6.85 4.47 -29.14
O3B MLA N . -7.79 5.28 -27.23
C ACY O . -27.32 -20.83 37.97
O ACY O . -27.46 -22.10 37.96
OXT ACY O . -26.90 -20.12 37.02
CH3 ACY O . -27.66 -20.05 39.25
C1 MLA P . 19.83 -8.19 18.54
O1A MLA P . 18.65 -8.51 18.84
O1B MLA P . 20.20 -7.55 17.52
C2 MLA P . 20.93 -8.61 19.53
C3 MLA P . 20.68 -7.93 20.88
O3A MLA P . 21.49 -7.02 21.22
O3B MLA P . 19.69 -8.33 21.53
C1 MLA Q . -8.05 -6.00 -9.56
O1A MLA Q . -8.59 -5.20 -10.33
O1B MLA Q . -8.00 -7.25 -9.73
C2 MLA Q . -7.32 -5.41 -8.32
C3 MLA Q . -8.33 -5.10 -7.22
O3A MLA Q . -8.96 -6.06 -6.76
O3B MLA Q . -8.46 -3.91 -6.85
#